data_9EPX
#
_entry.id   9EPX
#
_cell.length_a   128.158
_cell.length_b   128.158
_cell.length_c   124.014
_cell.angle_alpha   90.00
_cell.angle_beta   90.00
_cell.angle_gamma   90.00
#
_symmetry.space_group_name_H-M   'P 43 21 2'
#
loop_
_entity.id
_entity.type
_entity.pdbx_description
1 polymer 'Casein kinase II subunit alpha'
2 non-polymer 'SULFATE ION'
3 non-polymer 1,2-ETHANEDIOL
4 non-polymer 7-[(2-chloranyl-1,3-benzothiazol-6-yl)sulfonyl]-~{N}-[(3-chloranyl-4-phenyl-phenyl)methyl]-7-azaspiro[3.5]nonan-2-amine
5 water water
#
_entity_poly.entity_id   1
_entity_poly.type   'polypeptide(L)'
_entity_poly.pdbx_seq_one_letter_code
;SMSGPVPSRARVYTDVNTHRPREYWDYESHVVEWGNQDDYQLVRKLGRGKYSEVFEAINITNNEKVVVKILKPVKKKKIK
REIKILENLRGGPNIITLADIVKDPVSRTPALVFEHVNNTDFKQLYQTLTDYDIRFYMYEILKALDYCHSMGIMHRDVKP
HNVMIDHEHRKLRLIDWGLAEFYHPGQEYNVRVASRYFKGPELLVDYQMYDYSLDMWSLGCMLASMIFRKEPFFHGHDNY
DQLVRIAKVLGTEDLYDYIDKYNIELDPRFNDILGRHSRKRWERFVHSENQHLVSPEALDFLDKLLRYDHQSRLTAREAM
EHPYFYTVVKDQARMGSS
;
_entity_poly.pdbx_strand_id   A,B
#
loop_
_chem_comp.id
_chem_comp.type
_chem_comp.name
_chem_comp.formula
A1H6E non-polymer 7-[(2-chloranyl-1,3-benzothiazol-6-yl)sulfonyl]-~{N}-[(3-chloranyl-4-phenyl-phenyl)methyl]-7-azaspiro[3.5]nonan-2-amine 'C28 H27 Cl2 N3 O2 S2'
EDO non-polymer 1,2-ETHANEDIOL 'C2 H6 O2'
SO4 non-polymer 'SULFATE ION' 'O4 S -2'
#
# COMPACT_ATOMS: atom_id res chain seq x y z
N GLY A 4 -11.38 -18.44 -29.53
CA GLY A 4 -10.64 -19.22 -28.51
C GLY A 4 -9.81 -18.32 -27.59
N PRO A 5 -9.27 -18.82 -26.45
CA PRO A 5 -8.40 -18.03 -25.57
C PRO A 5 -7.13 -17.47 -26.22
N VAL A 6 -6.70 -16.29 -25.77
CA VAL A 6 -5.51 -15.65 -26.26
C VAL A 6 -4.32 -16.42 -25.69
N PRO A 7 -3.30 -16.77 -26.51
CA PRO A 7 -2.10 -17.42 -25.99
C PRO A 7 -1.29 -16.59 -24.99
N SER A 8 -0.43 -17.28 -24.24
CA SER A 8 0.46 -16.60 -23.28
C SER A 8 1.80 -17.32 -23.22
N ARG A 9 2.89 -16.58 -23.04
CA ARG A 9 4.20 -17.21 -22.82
C ARG A 9 4.76 -16.59 -21.54
N ALA A 10 5.74 -17.24 -20.92
CA ALA A 10 6.39 -16.70 -19.73
C ALA A 10 7.24 -15.49 -20.08
N ARG A 11 7.26 -14.48 -19.21
CA ARG A 11 8.06 -13.27 -19.44
C ARG A 11 9.51 -13.55 -19.08
N VAL A 12 9.76 -14.62 -18.33
CA VAL A 12 11.14 -14.97 -17.91
C VAL A 12 11.36 -16.46 -18.12
N TYR A 13 12.61 -16.84 -18.34
CA TYR A 13 13.01 -18.23 -18.46
C TYR A 13 12.15 -19.01 -19.45
N THR A 14 11.78 -18.36 -20.57
CA THR A 14 10.77 -18.88 -21.49
C THR A 14 11.27 -20.11 -22.23
N ASP A 15 12.47 -19.98 -22.81
CA ASP A 15 12.94 -20.92 -23.80
C ASP A 15 14.05 -21.74 -23.16
N VAL A 16 14.03 -21.86 -21.84
CA VAL A 16 15.16 -22.38 -21.11
C VAL A 16 15.27 -23.91 -21.33
N ASN A 17 14.13 -24.61 -21.31
CA ASN A 17 14.11 -26.05 -21.57
C ASN A 17 14.35 -26.37 -23.04
N THR A 18 14.01 -25.43 -23.94
CA THR A 18 14.20 -25.65 -25.36
C THR A 18 15.69 -25.72 -25.70
N HIS A 19 16.49 -24.92 -24.99
CA HIS A 19 17.91 -24.75 -25.21
C HIS A 19 18.68 -25.85 -24.49
N ARG A 20 17.98 -26.84 -23.94
CA ARG A 20 18.63 -27.95 -23.27
C ARG A 20 18.41 -29.23 -24.08
N PRO A 21 19.16 -30.32 -23.78
CA PRO A 21 18.89 -31.60 -24.40
C PRO A 21 17.50 -32.11 -24.05
N ARG A 22 16.91 -32.94 -24.90
CA ARG A 22 15.53 -33.42 -24.69
C ARG A 22 15.46 -34.26 -23.41
N GLU A 23 16.49 -35.06 -23.14
CA GLU A 23 16.53 -35.92 -21.93
C GLU A 23 16.26 -35.10 -20.68
N TYR A 24 16.73 -33.85 -20.64
CA TYR A 24 16.54 -33.01 -19.48
C TYR A 24 15.06 -32.92 -19.09
N TRP A 25 14.13 -32.87 -20.04
CA TRP A 25 12.71 -32.64 -19.72
C TRP A 25 11.78 -33.74 -20.26
N ASP A 26 12.34 -34.68 -21.03
CA ASP A 26 11.60 -35.78 -21.58
C ASP A 26 11.62 -36.91 -20.57
N TYR A 27 10.93 -36.67 -19.45
CA TYR A 27 11.07 -37.53 -18.30
C TYR A 27 10.55 -38.92 -18.63
N GLU A 28 9.58 -39.01 -19.55
CA GLU A 28 9.00 -40.28 -19.97
C GLU A 28 10.09 -41.27 -20.38
N SER A 29 11.26 -40.73 -20.76
CA SER A 29 12.37 -41.53 -21.26
C SER A 29 13.42 -41.83 -20.19
N HIS A 30 13.21 -41.39 -18.94
CA HIS A 30 14.22 -41.53 -17.91
C HIS A 30 14.23 -42.97 -17.42
N VAL A 31 15.40 -43.58 -17.28
CA VAL A 31 15.50 -44.91 -16.68
C VAL A 31 15.98 -44.71 -15.26
N VAL A 32 15.37 -45.42 -14.31
CA VAL A 32 15.59 -45.10 -12.91
C VAL A 32 16.76 -45.94 -12.38
N GLU A 33 17.70 -45.23 -11.74
CA GLU A 33 18.85 -45.87 -11.06
C GLU A 33 18.39 -46.34 -9.69
N TRP A 34 18.18 -47.64 -9.55
CA TRP A 34 17.74 -48.25 -8.30
C TRP A 34 18.93 -48.47 -7.36
N GLY A 35 18.66 -48.22 -6.06
CA GLY A 35 19.56 -48.55 -4.97
C GLY A 35 19.08 -49.82 -4.29
N ASN A 36 19.77 -50.19 -3.21
CA ASN A 36 19.44 -51.41 -2.43
C ASN A 36 18.57 -51.04 -1.22
N GLN A 37 17.37 -51.60 -1.14
CA GLN A 37 16.42 -51.29 -0.05
C GLN A 37 16.99 -51.71 1.31
N ASP A 38 17.90 -52.68 1.32
CA ASP A 38 18.42 -53.20 2.60
C ASP A 38 19.49 -52.27 3.19
N ASP A 39 19.74 -51.14 2.56
CA ASP A 39 20.69 -50.21 3.16
C ASP A 39 20.01 -49.36 4.23
N TYR A 40 18.67 -49.27 4.18
CA TYR A 40 17.88 -48.42 5.07
C TYR A 40 16.92 -49.29 5.89
N GLN A 41 16.85 -49.01 7.19
CA GLN A 41 15.81 -49.56 8.06
C GLN A 41 14.94 -48.41 8.56
N LEU A 42 13.62 -48.62 8.50
CA LEU A 42 12.64 -47.63 8.94
C LEU A 42 12.61 -47.57 10.46
N VAL A 43 12.54 -46.33 10.97
CA VAL A 43 12.55 -46.06 12.41
C VAL A 43 11.15 -45.78 12.92
N ARG A 44 10.49 -44.77 12.33
CA ARG A 44 9.17 -44.32 12.77
C ARG A 44 8.45 -43.61 11.64
N LYS A 45 7.12 -43.61 11.68
CA LYS A 45 6.35 -42.86 10.70
C LYS A 45 6.30 -41.38 11.08
N LEU A 46 6.41 -40.52 10.08
CA LEU A 46 6.33 -39.08 10.25
C LEU A 46 5.03 -38.52 9.69
N GLY A 47 4.43 -39.10 8.65
CA GLY A 47 3.22 -38.52 8.07
C GLY A 47 2.56 -39.38 6.99
N ARG A 48 1.24 -39.23 6.84
CA ARG A 48 0.44 -39.82 5.77
C ARG A 48 0.09 -38.67 4.84
N GLY A 49 0.13 -38.85 3.49
CA GLY A 49 0.03 -37.67 2.63
C GLY A 49 -0.45 -37.88 1.19
N LYS A 50 -1.61 -38.51 1.01
CA LYS A 50 -2.29 -38.48 -0.29
C LYS A 50 -1.56 -39.33 -1.33
N TYR A 51 -0.32 -38.96 -1.69
CA TYR A 51 0.46 -39.74 -2.64
C TYR A 51 1.53 -40.63 -1.96
N SER A 52 1.74 -40.49 -0.64
CA SER A 52 2.87 -41.16 0.00
C SER A 52 2.72 -41.20 1.52
N GLU A 53 3.51 -42.07 2.14
CA GLU A 53 3.73 -42.07 3.57
C GLU A 53 5.20 -41.79 3.81
N VAL A 54 5.50 -41.12 4.92
CA VAL A 54 6.81 -40.57 5.19
C VAL A 54 7.34 -41.22 6.46
N PHE A 55 8.58 -41.71 6.42
CA PHE A 55 9.19 -42.38 7.55
C PHE A 55 10.57 -41.77 7.80
N GLU A 56 10.99 -41.80 9.05
CA GLU A 56 12.38 -41.57 9.40
C GLU A 56 13.09 -42.92 9.36
N ALA A 57 14.24 -42.98 8.71
CA ALA A 57 14.97 -44.22 8.63
C ALA A 57 16.46 -43.98 8.87
N ILE A 58 17.18 -45.09 9.08
CA ILE A 58 18.61 -45.04 9.19
C ILE A 58 19.20 -45.80 7.99
N ASN A 59 20.30 -45.25 7.45
CA ASN A 59 21.15 -45.94 6.49
C ASN A 59 22.19 -46.71 7.30
N ILE A 60 22.15 -48.04 7.24
CA ILE A 60 23.00 -48.86 8.09
C ILE A 60 24.42 -48.92 7.52
N THR A 61 24.59 -48.35 6.33
CA THR A 61 25.88 -48.25 5.64
C THR A 61 26.79 -47.29 6.39
N ASN A 62 26.27 -46.10 6.72
CA ASN A 62 27.05 -45.10 7.42
C ASN A 62 26.38 -44.62 8.72
N ASN A 63 25.34 -45.31 9.21
CA ASN A 63 24.56 -44.81 10.35
C ASN A 63 24.17 -43.34 10.19
N GLU A 64 23.74 -42.94 8.99
CA GLU A 64 23.20 -41.59 8.76
C GLU A 64 21.66 -41.64 8.72
N LYS A 65 21.04 -40.72 9.48
CA LYS A 65 19.59 -40.59 9.53
C LYS A 65 19.11 -40.02 8.19
N VAL A 66 17.90 -40.41 7.75
CA VAL A 66 17.41 -40.22 6.39
C VAL A 66 15.89 -40.04 6.42
N VAL A 67 15.26 -39.66 5.31
CA VAL A 67 13.80 -39.68 5.23
C VAL A 67 13.38 -40.54 4.04
N VAL A 68 12.34 -41.36 4.25
CA VAL A 68 11.84 -42.25 3.23
C VAL A 68 10.36 -41.95 2.96
N LYS A 69 10.01 -41.69 1.69
CA LYS A 69 8.64 -41.52 1.23
C LYS A 69 8.29 -42.78 0.45
N ILE A 70 7.57 -43.71 1.03
CA ILE A 70 7.07 -44.84 0.26
C ILE A 70 5.88 -44.32 -0.55
N LEU A 71 5.88 -44.59 -1.85
CA LEU A 71 4.85 -44.03 -2.72
C LEU A 71 3.63 -44.94 -2.73
N LYS A 72 2.47 -44.31 -2.81
CA LYS A 72 1.25 -45.04 -3.16
C LYS A 72 1.23 -45.21 -4.67
N PRO A 73 0.45 -46.16 -5.22
CA PRO A 73 0.38 -46.35 -6.67
C PRO A 73 0.05 -45.06 -7.42
N VAL A 74 1.00 -44.62 -8.26
CA VAL A 74 0.78 -43.63 -9.30
C VAL A 74 1.30 -44.25 -10.58
N LYS A 75 1.03 -43.56 -11.69
CA LYS A 75 1.57 -43.92 -12.99
C LYS A 75 3.09 -43.72 -12.98
N LYS A 76 3.80 -44.65 -13.63
CA LYS A 76 5.24 -44.61 -13.66
C LYS A 76 5.76 -43.30 -14.24
N LYS A 77 4.99 -42.67 -15.13
CA LYS A 77 5.50 -41.47 -15.80
C LYS A 77 5.54 -40.28 -14.85
N LYS A 78 4.69 -40.28 -13.81
CA LYS A 78 4.62 -39.20 -12.83
C LYS A 78 5.79 -39.35 -11.84
N ILE A 79 6.16 -40.60 -11.56
CA ILE A 79 7.30 -40.89 -10.70
C ILE A 79 8.58 -40.45 -11.40
N LYS A 80 8.70 -40.82 -12.69
CA LYS A 80 9.85 -40.48 -13.51
C LYS A 80 9.98 -38.97 -13.59
N ARG A 81 8.83 -38.30 -13.73
CA ARG A 81 8.74 -36.85 -13.67
C ARG A 81 9.35 -36.30 -12.37
N GLU A 82 8.86 -36.73 -11.21
CA GLU A 82 9.34 -36.21 -9.95
C GLU A 82 10.83 -36.46 -9.80
N ILE A 83 11.25 -37.72 -10.01
CA ILE A 83 12.64 -38.11 -9.91
C ILE A 83 13.50 -37.20 -10.80
N LYS A 84 13.08 -37.01 -12.05
CA LYS A 84 13.82 -36.18 -12.98
C LYS A 84 13.95 -34.76 -12.43
N ILE A 85 12.86 -34.20 -11.92
CA ILE A 85 12.85 -32.82 -11.47
C ILE A 85 13.76 -32.69 -10.25
N LEU A 86 13.74 -33.68 -9.38
CA LEU A 86 14.53 -33.65 -8.17
C LEU A 86 16.03 -33.69 -8.52
N GLU A 87 16.39 -34.63 -9.42
CA GLU A 87 17.77 -34.81 -9.89
C GLU A 87 18.28 -33.54 -10.60
N ASN A 88 17.44 -32.94 -11.44
CA ASN A 88 17.76 -31.69 -12.10
C ASN A 88 18.04 -30.57 -11.08
N LEU A 89 17.26 -30.48 -9.99
CA LEU A 89 17.36 -29.38 -9.03
C LEU A 89 18.34 -29.67 -7.88
N ARG A 90 18.77 -30.92 -7.75
CA ARG A 90 19.68 -31.29 -6.68
C ARG A 90 20.87 -30.31 -6.68
N GLY A 91 21.27 -29.90 -5.47
CA GLY A 91 22.32 -28.91 -5.22
C GLY A 91 21.79 -27.46 -5.27
N GLY A 92 20.55 -27.26 -5.71
CA GLY A 92 19.98 -25.92 -5.79
C GLY A 92 19.68 -25.34 -4.41
N PRO A 93 19.64 -24.01 -4.24
CA PRO A 93 19.43 -23.41 -2.92
C PRO A 93 18.06 -23.77 -2.33
N ASN A 94 18.09 -24.50 -1.21
CA ASN A 94 16.92 -24.76 -0.36
C ASN A 94 15.97 -25.75 -1.03
N ILE A 95 16.50 -26.49 -2.02
CA ILE A 95 15.79 -27.61 -2.63
C ILE A 95 16.12 -28.87 -1.86
N ILE A 96 15.11 -29.66 -1.55
CA ILE A 96 15.34 -30.95 -0.89
C ILE A 96 16.26 -31.80 -1.76
N THR A 97 17.12 -32.59 -1.11
CA THR A 97 18.10 -33.41 -1.79
C THR A 97 17.60 -34.86 -1.85
N LEU A 98 17.36 -35.36 -3.07
CA LEU A 98 17.16 -36.80 -3.23
C LEU A 98 18.52 -37.51 -3.10
N ALA A 99 18.53 -38.61 -2.36
CA ALA A 99 19.77 -39.30 -2.01
C ALA A 99 19.75 -40.69 -2.61
N ASP A 100 18.58 -41.32 -2.74
CA ASP A 100 18.52 -42.65 -3.31
C ASP A 100 17.08 -42.96 -3.69
N ILE A 101 16.90 -44.07 -4.42
CA ILE A 101 15.63 -44.57 -4.89
C ILE A 101 15.70 -46.09 -4.82
N VAL A 102 14.72 -46.71 -4.15
CA VAL A 102 14.73 -48.14 -3.90
C VAL A 102 13.33 -48.68 -4.08
N LYS A 103 13.25 -49.97 -4.36
CA LYS A 103 11.98 -50.63 -4.50
C LYS A 103 11.99 -51.84 -3.59
N ASP A 104 10.88 -52.09 -2.88
CA ASP A 104 10.74 -53.35 -2.17
C ASP A 104 10.73 -54.47 -3.20
N PRO A 105 11.69 -55.42 -3.19
CA PRO A 105 11.69 -56.54 -4.17
C PRO A 105 10.47 -57.48 -4.09
N VAL A 106 9.65 -57.36 -3.03
CA VAL A 106 8.42 -58.14 -2.92
C VAL A 106 7.23 -57.27 -3.32
N SER A 107 6.76 -56.34 -2.47
CA SER A 107 5.58 -55.51 -2.75
C SER A 107 5.71 -54.73 -4.07
N ARG A 108 6.93 -54.57 -4.58
CA ARG A 108 7.17 -53.83 -5.81
C ARG A 108 6.84 -52.33 -5.62
N THR A 109 6.67 -51.90 -4.36
CA THR A 109 6.42 -50.51 -4.03
C THR A 109 7.72 -49.70 -4.12
N PRO A 110 7.75 -48.55 -4.83
CA PRO A 110 8.93 -47.68 -4.90
C PRO A 110 9.03 -46.61 -3.83
N ALA A 111 10.25 -46.21 -3.46
CA ALA A 111 10.45 -45.38 -2.28
C ALA A 111 11.54 -44.34 -2.49
N LEU A 112 11.23 -43.07 -2.21
CA LEU A 112 12.22 -42.02 -2.35
C LEU A 112 12.94 -41.76 -1.02
N VAL A 113 14.28 -41.71 -1.08
CA VAL A 113 15.10 -41.55 0.11
C VAL A 113 15.72 -40.16 0.09
N PHE A 114 15.47 -39.37 1.13
CA PHE A 114 15.89 -37.98 1.16
C PHE A 114 16.89 -37.71 2.28
N GLU A 115 17.59 -36.59 2.16
CA GLU A 115 18.30 -36.02 3.28
C GLU A 115 17.31 -35.83 4.44
N HIS A 116 17.86 -35.66 5.64
CA HIS A 116 17.01 -35.52 6.85
C HIS A 116 17.07 -34.09 7.39
N VAL A 117 15.92 -33.44 7.45
CA VAL A 117 15.85 -32.13 8.07
C VAL A 117 14.83 -32.18 9.21
N ASN A 118 15.27 -31.76 10.40
CA ASN A 118 14.39 -31.62 11.55
C ASN A 118 13.48 -30.41 11.34
N ASN A 119 12.20 -30.64 11.54
CA ASN A 119 11.20 -29.58 11.51
C ASN A 119 10.97 -29.10 12.94
N THR A 120 11.16 -27.80 13.20
CA THR A 120 10.78 -27.29 14.51
C THR A 120 9.26 -27.38 14.61
N ASP A 121 8.81 -27.69 15.83
CA ASP A 121 7.40 -27.79 16.15
C ASP A 121 6.68 -26.54 15.66
N PHE A 122 5.57 -26.75 14.94
CA PHE A 122 4.71 -25.70 14.43
C PHE A 122 4.36 -24.72 15.55
N LYS A 123 3.65 -25.19 16.59
CA LYS A 123 3.19 -24.28 17.64
C LYS A 123 4.33 -23.35 18.05
N GLN A 124 5.47 -23.92 18.48
CA GLN A 124 6.62 -23.17 18.98
C GLN A 124 7.01 -22.09 17.97
N LEU A 125 7.16 -22.48 16.71
CA LEU A 125 7.65 -21.57 15.67
C LEU A 125 6.63 -20.45 15.42
N TYR A 126 5.38 -20.86 15.11
CA TYR A 126 4.32 -19.92 14.80
C TYR A 126 4.19 -18.86 15.91
N GLN A 127 4.17 -19.29 17.17
CA GLN A 127 3.89 -18.34 18.23
C GLN A 127 5.07 -17.38 18.41
N THR A 128 6.26 -17.71 17.88
CA THR A 128 7.44 -16.90 18.16
C THR A 128 7.90 -16.05 16.96
N LEU A 129 7.16 -16.08 15.85
CA LEU A 129 7.74 -15.85 14.52
C LEU A 129 8.54 -14.54 14.41
N THR A 130 7.89 -13.38 14.43
CA THR A 130 8.51 -12.08 14.18
C THR A 130 8.62 -11.76 12.69
N ASP A 131 8.54 -10.45 12.40
CA ASP A 131 8.48 -9.90 11.06
C ASP A 131 9.78 -10.20 10.31
N TYR A 132 10.91 -10.06 11.03
CA TYR A 132 12.24 -10.27 10.50
C TYR A 132 12.37 -11.73 10.06
N ASP A 133 11.81 -12.64 10.86
CA ASP A 133 11.87 -14.06 10.58
C ASP A 133 11.11 -14.38 9.30
N ILE A 134 9.90 -13.82 9.17
CA ILE A 134 9.06 -14.04 8.02
C ILE A 134 9.80 -13.55 6.78
N ARG A 135 10.31 -12.31 6.86
CA ARG A 135 11.07 -11.75 5.76
C ARG A 135 12.14 -12.74 5.33
N PHE A 136 12.95 -13.20 6.28
CA PHE A 136 14.09 -14.08 6.01
C PHE A 136 13.63 -15.36 5.34
N TYR A 137 12.60 -16.03 5.89
CA TYR A 137 12.21 -17.32 5.36
C TYR A 137 11.52 -17.17 4.00
N MET A 138 10.89 -16.02 3.75
CA MET A 138 10.28 -15.78 2.45
C MET A 138 11.39 -15.59 1.43
N TYR A 139 12.45 -14.90 1.84
CA TYR A 139 13.59 -14.69 0.97
C TYR A 139 14.13 -16.06 0.57
N GLU A 140 14.19 -16.97 1.57
CA GLU A 140 14.70 -18.30 1.40
C GLU A 140 13.81 -19.09 0.44
N ILE A 141 12.48 -18.92 0.53
CA ILE A 141 11.62 -19.62 -0.39
C ILE A 141 11.82 -19.07 -1.81
N LEU A 142 11.97 -17.74 -1.93
CA LEU A 142 12.11 -17.10 -3.24
C LEU A 142 13.36 -17.63 -3.95
N LYS A 143 14.45 -17.76 -3.20
CA LYS A 143 15.70 -18.36 -3.66
C LYS A 143 15.45 -19.69 -4.38
N ALA A 144 14.66 -20.57 -3.75
CA ALA A 144 14.43 -21.89 -4.29
C ALA A 144 13.59 -21.80 -5.57
N LEU A 145 12.65 -20.83 -5.57
CA LEU A 145 11.73 -20.70 -6.68
C LEU A 145 12.43 -20.10 -7.90
N ASP A 146 13.29 -19.10 -7.67
CA ASP A 146 13.97 -18.51 -8.80
C ASP A 146 14.91 -19.56 -9.39
N TYR A 147 15.50 -20.39 -8.52
CA TYR A 147 16.33 -21.47 -9.01
C TYR A 147 15.52 -22.43 -9.89
N CYS A 148 14.37 -22.89 -9.39
CA CYS A 148 13.67 -23.95 -10.10
C CYS A 148 13.07 -23.40 -11.42
N HIS A 149 12.56 -22.16 -11.38
CA HIS A 149 12.08 -21.43 -12.53
C HIS A 149 13.16 -21.27 -13.61
N SER A 150 14.36 -20.80 -13.21
CA SER A 150 15.52 -20.73 -14.08
C SER A 150 15.88 -22.11 -14.66
N MET A 151 15.53 -23.20 -13.97
CA MET A 151 15.80 -24.55 -14.44
C MET A 151 14.60 -25.13 -15.19
N GLY A 152 13.68 -24.24 -15.59
CA GLY A 152 12.55 -24.63 -16.43
C GLY A 152 11.44 -25.41 -15.71
N ILE A 153 11.37 -25.27 -14.39
CA ILE A 153 10.41 -26.09 -13.60
C ILE A 153 9.47 -25.23 -12.75
N MET A 154 8.18 -25.56 -12.75
CA MET A 154 7.20 -24.89 -11.86
C MET A 154 6.73 -25.93 -10.83
N HIS A 155 6.74 -25.60 -9.54
CA HIS A 155 6.33 -26.51 -8.44
C HIS A 155 4.84 -26.82 -8.50
N ARG A 156 4.01 -25.80 -8.63
CA ARG A 156 2.56 -25.94 -8.77
C ARG A 156 1.89 -26.41 -7.49
N ASP A 157 2.60 -26.41 -6.36
CA ASP A 157 2.01 -26.81 -5.09
C ASP A 157 2.70 -26.08 -3.94
N VAL A 158 3.09 -24.81 -4.19
CA VAL A 158 3.68 -23.97 -3.15
C VAL A 158 2.60 -23.69 -2.12
N LYS A 159 2.94 -23.93 -0.85
CA LYS A 159 2.05 -23.81 0.28
C LYS A 159 2.83 -24.21 1.54
N PRO A 160 2.32 -23.94 2.77
CA PRO A 160 3.12 -24.12 3.99
C PRO A 160 3.46 -25.59 4.24
N HIS A 161 2.52 -26.50 3.97
CA HIS A 161 2.82 -27.93 4.05
C HIS A 161 4.13 -28.29 3.32
N ASN A 162 4.45 -27.64 2.18
CA ASN A 162 5.61 -28.08 1.41
C ASN A 162 6.84 -27.22 1.67
N VAL A 163 6.84 -26.44 2.76
CA VAL A 163 8.01 -25.72 3.24
C VAL A 163 8.44 -26.30 4.59
N MET A 164 9.74 -26.54 4.80
CA MET A 164 10.25 -27.15 6.02
C MET A 164 11.27 -26.20 6.65
N ILE A 165 11.10 -25.89 7.95
CA ILE A 165 12.04 -25.01 8.62
C ILE A 165 12.63 -25.66 9.86
N ASP A 166 13.96 -25.61 9.94
CA ASP A 166 14.77 -25.96 11.08
C ASP A 166 15.30 -24.64 11.64
N HIS A 167 14.52 -24.04 12.55
CA HIS A 167 14.78 -22.71 13.05
C HIS A 167 16.06 -22.72 13.87
N GLU A 168 16.33 -23.82 14.59
CA GLU A 168 17.56 -23.93 15.37
C GLU A 168 18.77 -23.68 14.47
N HIS A 169 18.73 -24.13 13.19
CA HIS A 169 19.84 -24.01 12.26
C HIS A 169 19.53 -23.04 11.11
N ARG A 170 18.50 -22.21 11.31
CA ARG A 170 17.97 -21.26 10.34
C ARG A 170 18.08 -21.80 8.90
N LYS A 171 17.43 -22.95 8.68
CA LYS A 171 17.59 -23.75 7.49
C LYS A 171 16.19 -24.05 6.94
N LEU A 172 16.02 -23.96 5.61
CA LEU A 172 14.72 -24.13 4.97
C LEU A 172 14.87 -25.01 3.73
N ARG A 173 13.81 -25.80 3.47
CA ARG A 173 13.73 -26.66 2.31
C ARG A 173 12.35 -26.61 1.67
N LEU A 174 12.32 -26.64 0.33
CA LEU A 174 11.07 -26.74 -0.40
C LEU A 174 10.93 -28.17 -0.89
N ILE A 175 9.80 -28.80 -0.54
CA ILE A 175 9.61 -30.23 -0.75
C ILE A 175 8.37 -30.47 -1.59
N ASP A 176 8.05 -31.76 -1.75
CA ASP A 176 6.85 -32.26 -2.39
C ASP A 176 6.77 -31.72 -3.81
N TRP A 177 7.69 -32.29 -4.61
CA TRP A 177 7.96 -31.93 -5.99
C TRP A 177 7.14 -32.82 -6.94
N GLY A 178 6.12 -33.53 -6.42
CA GLY A 178 5.39 -34.53 -7.20
C GLY A 178 4.32 -33.91 -8.12
N LEU A 179 4.08 -32.60 -7.99
CA LEU A 179 3.13 -31.94 -8.86
C LEU A 179 3.86 -31.00 -9.82
N ALA A 180 5.19 -30.96 -9.71
CA ALA A 180 5.97 -30.03 -10.51
C ALA A 180 5.98 -30.47 -11.97
N GLU A 181 6.12 -29.50 -12.88
CA GLU A 181 6.15 -29.80 -14.30
C GLU A 181 7.15 -28.84 -14.97
N PHE A 182 7.58 -29.23 -16.19
CA PHE A 182 8.54 -28.44 -16.96
C PHE A 182 7.76 -27.46 -17.81
N TYR A 183 8.20 -26.19 -17.78
CA TYR A 183 7.55 -25.15 -18.55
C TYR A 183 8.00 -25.25 -20.02
N HIS A 184 7.03 -25.36 -20.92
CA HIS A 184 7.34 -25.35 -22.32
C HIS A 184 6.40 -24.35 -22.98
N PRO A 185 6.91 -23.29 -23.66
CA PRO A 185 6.04 -22.27 -24.25
C PRO A 185 5.02 -22.85 -25.22
N GLY A 186 3.77 -22.44 -25.07
CA GLY A 186 2.68 -22.91 -25.90
C GLY A 186 1.96 -24.10 -25.28
N GLN A 187 2.54 -24.74 -24.25
CA GLN A 187 1.90 -25.93 -23.67
C GLN A 187 0.74 -25.54 -22.75
N GLU A 188 -0.31 -26.37 -22.82
CA GLU A 188 -1.52 -26.33 -22.00
C GLU A 188 -1.37 -27.37 -20.91
N TYR A 189 -1.52 -26.96 -19.65
CA TYR A 189 -1.31 -27.84 -18.53
C TYR A 189 -2.67 -28.17 -17.89
N ASN A 190 -2.64 -29.14 -16.98
CA ASN A 190 -3.78 -29.48 -16.16
C ASN A 190 -4.01 -28.38 -15.12
N VAL A 191 -5.28 -27.97 -14.95
CA VAL A 191 -5.64 -26.93 -14.00
C VAL A 191 -6.13 -27.55 -12.68
N ARG A 192 -6.30 -28.87 -12.68
CA ARG A 192 -6.67 -29.59 -11.47
C ARG A 192 -5.38 -29.91 -10.70
N VAL A 193 -4.62 -28.87 -10.34
CA VAL A 193 -3.41 -29.00 -9.55
C VAL A 193 -3.45 -27.94 -8.43
N ALA A 194 -2.57 -28.14 -7.42
CA ALA A 194 -2.53 -27.36 -6.18
C ALA A 194 -3.82 -27.54 -5.39
N SER A 195 -3.76 -27.18 -4.11
CA SER A 195 -4.92 -27.19 -3.23
C SER A 195 -5.71 -25.89 -3.40
N ARG A 196 -7.02 -25.96 -3.10
CA ARG A 196 -7.98 -24.89 -3.39
C ARG A 196 -7.51 -23.52 -2.92
N TYR A 197 -7.01 -23.44 -1.69
CA TYR A 197 -6.78 -22.18 -1.02
C TYR A 197 -5.64 -21.42 -1.71
N PHE A 198 -4.80 -22.15 -2.45
CA PHE A 198 -3.59 -21.61 -3.07
C PHE A 198 -3.67 -21.63 -4.59
N LYS A 199 -4.84 -21.95 -5.15
CA LYS A 199 -5.00 -22.02 -6.60
C LYS A 199 -5.00 -20.61 -7.18
N GLY A 200 -4.26 -20.40 -8.27
CA GLY A 200 -4.30 -19.12 -8.95
C GLY A 200 -5.61 -18.97 -9.75
N PRO A 201 -6.04 -17.72 -10.00
CA PRO A 201 -7.18 -17.42 -10.86
C PRO A 201 -7.27 -18.19 -12.18
N GLU A 202 -6.10 -18.32 -12.83
CA GLU A 202 -5.93 -19.00 -14.11
C GLU A 202 -6.39 -20.46 -14.04
N LEU A 203 -6.12 -21.15 -12.91
CA LEU A 203 -6.59 -22.51 -12.73
C LEU A 203 -8.12 -22.52 -12.55
N LEU A 204 -8.64 -21.46 -11.90
CA LEU A 204 -10.03 -21.42 -11.48
C LEU A 204 -10.94 -21.04 -12.65
N VAL A 205 -10.38 -20.36 -13.66
CA VAL A 205 -11.12 -19.97 -14.86
C VAL A 205 -10.78 -20.88 -16.04
N ASP A 206 -9.86 -21.83 -15.81
CA ASP A 206 -9.54 -22.90 -16.73
C ASP A 206 -8.71 -22.38 -17.92
N TYR A 207 -7.76 -21.47 -17.66
CA TYR A 207 -6.76 -21.02 -18.62
C TYR A 207 -5.49 -21.85 -18.47
N GLN A 208 -5.22 -22.72 -19.44
CA GLN A 208 -4.24 -23.78 -19.25
C GLN A 208 -2.82 -23.43 -19.71
N MET A 209 -2.67 -22.31 -20.43
CA MET A 209 -1.34 -21.88 -20.91
C MET A 209 -0.70 -21.01 -19.85
N TYR A 210 -0.48 -21.61 -18.68
CA TYR A 210 0.04 -20.88 -17.54
C TYR A 210 1.52 -21.20 -17.45
N ASP A 211 2.19 -20.62 -16.45
CA ASP A 211 3.65 -20.73 -16.33
C ASP A 211 4.09 -20.60 -14.88
N TYR A 212 5.35 -20.19 -14.71
CA TYR A 212 5.99 -20.13 -13.41
C TYR A 212 5.25 -19.16 -12.49
N SER A 213 4.54 -18.18 -13.07
CA SER A 213 3.89 -17.13 -12.28
C SER A 213 2.80 -17.70 -11.38
N LEU A 214 2.38 -18.94 -11.68
CA LEU A 214 1.44 -19.67 -10.83
C LEU A 214 2.01 -19.78 -9.41
N ASP A 215 3.31 -20.08 -9.30
CA ASP A 215 3.97 -20.21 -8.01
C ASP A 215 3.94 -18.89 -7.24
N MET A 216 3.94 -17.78 -7.95
CA MET A 216 4.08 -16.49 -7.31
C MET A 216 2.77 -16.12 -6.63
N TRP A 217 1.65 -16.56 -7.21
CA TRP A 217 0.33 -16.37 -6.63
C TRP A 217 0.30 -17.06 -5.29
N SER A 218 0.58 -18.37 -5.30
CA SER A 218 0.58 -19.16 -4.08
C SER A 218 1.44 -18.52 -3.01
N LEU A 219 2.58 -17.99 -3.43
CA LEU A 219 3.53 -17.42 -2.49
C LEU A 219 2.89 -16.22 -1.79
N GLY A 220 2.18 -15.38 -2.55
CA GLY A 220 1.39 -14.32 -1.97
C GLY A 220 0.32 -14.86 -1.03
N CYS A 221 -0.37 -15.94 -1.43
CA CYS A 221 -1.35 -16.62 -0.59
C CYS A 221 -0.69 -17.02 0.73
N MET A 222 0.56 -17.47 0.67
CA MET A 222 1.32 -17.78 1.88
C MET A 222 1.63 -16.54 2.70
N LEU A 223 2.15 -15.48 2.05
CA LEU A 223 2.53 -14.25 2.73
C LEU A 223 1.34 -13.64 3.44
N ALA A 224 0.21 -13.59 2.75
CA ALA A 224 -1.00 -13.06 3.36
C ALA A 224 -1.27 -13.73 4.71
N SER A 225 -1.49 -15.04 4.68
CA SER A 225 -1.83 -15.81 5.90
C SER A 225 -0.84 -15.52 7.04
N MET A 226 0.42 -15.30 6.71
CA MET A 226 1.44 -15.09 7.76
C MET A 226 1.30 -13.68 8.34
N ILE A 227 1.36 -12.65 7.51
CA ILE A 227 1.36 -11.25 8.02
C ILE A 227 0.02 -10.94 8.69
N PHE A 228 -1.07 -11.52 8.22
CA PHE A 228 -2.39 -11.20 8.74
C PHE A 228 -2.86 -12.22 9.78
N ARG A 229 -2.20 -13.40 9.81
CA ARG A 229 -2.46 -14.44 10.81
C ARG A 229 -3.86 -15.01 10.60
N LYS A 230 -4.16 -15.35 9.33
CA LYS A 230 -5.40 -15.97 8.91
C LYS A 230 -5.10 -17.09 7.91
N GLU A 231 -5.16 -18.35 8.38
CA GLU A 231 -4.86 -19.52 7.56
C GLU A 231 -6.12 -20.37 7.53
N PRO A 232 -6.73 -20.70 6.37
CA PRO A 232 -6.31 -20.17 5.07
C PRO A 232 -6.88 -18.77 4.82
N PHE A 233 -6.25 -18.01 3.92
CA PHE A 233 -6.59 -16.60 3.71
C PHE A 233 -7.80 -16.47 2.77
N PHE A 234 -7.77 -17.18 1.65
CA PHE A 234 -8.94 -17.30 0.79
C PHE A 234 -9.54 -18.68 1.06
N HIS A 235 -10.67 -18.71 1.75
CA HIS A 235 -11.26 -19.92 2.30
C HIS A 235 -12.52 -20.24 1.50
N GLY A 236 -12.31 -20.76 0.28
CA GLY A 236 -13.39 -21.18 -0.61
C GLY A 236 -14.00 -22.52 -0.22
N HIS A 237 -15.32 -22.62 -0.38
CA HIS A 237 -16.10 -23.81 -0.10
C HIS A 237 -16.02 -24.84 -1.24
N ASP A 238 -15.69 -24.36 -2.43
CA ASP A 238 -15.47 -25.20 -3.60
C ASP A 238 -14.66 -24.38 -4.59
N ASN A 239 -14.37 -24.96 -5.76
CA ASN A 239 -13.48 -24.30 -6.70
C ASN A 239 -14.11 -23.01 -7.21
N TYR A 240 -15.44 -22.91 -7.27
CA TYR A 240 -16.09 -21.69 -7.75
C TYR A 240 -15.98 -20.59 -6.72
N ASP A 241 -16.40 -20.94 -5.49
CA ASP A 241 -16.40 -20.04 -4.37
C ASP A 241 -14.99 -19.55 -4.04
N GLN A 242 -13.94 -20.27 -4.49
CA GLN A 242 -12.59 -19.81 -4.26
C GLN A 242 -12.32 -18.51 -5.04
N LEU A 243 -12.95 -18.37 -6.21
CA LEU A 243 -12.72 -17.19 -7.01
C LEU A 243 -13.56 -16.04 -6.46
N VAL A 244 -14.66 -16.37 -5.79
CA VAL A 244 -15.50 -15.34 -5.16
C VAL A 244 -14.72 -14.76 -3.97
N ARG A 245 -14.14 -15.65 -3.19
CA ARG A 245 -13.32 -15.23 -2.07
C ARG A 245 -12.23 -14.29 -2.59
N ILE A 246 -11.63 -14.60 -3.74
CA ILE A 246 -10.57 -13.76 -4.23
C ILE A 246 -11.14 -12.44 -4.74
N ALA A 247 -12.29 -12.51 -5.41
CA ALA A 247 -12.88 -11.35 -6.03
C ALA A 247 -13.43 -10.41 -4.95
N LYS A 248 -13.87 -10.95 -3.81
CA LYS A 248 -14.39 -10.10 -2.75
C LYS A 248 -13.26 -9.23 -2.18
N VAL A 249 -11.99 -9.60 -2.45
CA VAL A 249 -10.85 -8.81 -2.01
C VAL A 249 -10.27 -7.97 -3.16
N LEU A 250 -9.95 -8.62 -4.28
CA LEU A 250 -9.27 -7.97 -5.38
C LEU A 250 -10.23 -7.20 -6.27
N GLY A 251 -11.51 -7.50 -6.19
CA GLY A 251 -12.52 -6.77 -6.91
C GLY A 251 -12.82 -7.45 -8.23
N THR A 252 -14.05 -7.27 -8.72
CA THR A 252 -14.53 -7.97 -9.90
C THR A 252 -14.06 -7.28 -11.18
N GLU A 253 -13.65 -6.01 -11.06
CA GLU A 253 -13.36 -5.18 -12.21
C GLU A 253 -12.08 -5.69 -12.88
N ASP A 254 -10.99 -5.82 -12.11
CA ASP A 254 -9.72 -6.33 -12.63
C ASP A 254 -9.90 -7.75 -13.15
N LEU A 255 -10.82 -8.51 -12.54
CA LEU A 255 -11.14 -9.86 -12.95
C LEU A 255 -11.77 -9.87 -14.34
N TYR A 256 -12.84 -9.09 -14.54
CA TYR A 256 -13.46 -9.10 -15.84
C TYR A 256 -12.51 -8.52 -16.90
N ASP A 257 -11.58 -7.66 -16.48
CA ASP A 257 -10.58 -7.10 -17.38
C ASP A 257 -9.59 -8.16 -17.81
N TYR A 258 -9.34 -9.13 -16.92
CA TYR A 258 -8.40 -10.21 -17.19
C TYR A 258 -9.04 -11.22 -18.14
N ILE A 259 -10.29 -11.63 -17.88
CA ILE A 259 -10.93 -12.58 -18.76
C ILE A 259 -11.12 -11.95 -20.14
N ASP A 260 -11.17 -10.61 -20.22
CA ASP A 260 -11.29 -9.92 -21.49
C ASP A 260 -9.99 -10.03 -22.30
N LYS A 261 -8.88 -9.57 -21.71
CA LYS A 261 -7.58 -9.57 -22.32
C LYS A 261 -7.28 -10.95 -22.90
N TYR A 262 -7.63 -12.04 -22.21
CA TYR A 262 -7.30 -13.39 -22.64
C TYR A 262 -8.50 -14.10 -23.26
N ASN A 263 -9.51 -13.34 -23.67
CA ASN A 263 -10.74 -13.89 -24.23
C ASN A 263 -11.04 -15.25 -23.62
N ILE A 264 -11.18 -15.26 -22.29
CA ILE A 264 -11.51 -16.45 -21.54
C ILE A 264 -13.05 -16.54 -21.44
N GLU A 265 -13.56 -17.77 -21.49
CA GLU A 265 -15.01 -18.00 -21.39
C GLU A 265 -15.36 -18.56 -20.01
N LEU A 266 -16.07 -17.77 -19.20
CA LEU A 266 -16.40 -18.20 -17.82
C LEU A 266 -17.56 -19.20 -17.87
N ASP A 267 -17.42 -20.32 -17.16
CA ASP A 267 -18.54 -21.28 -17.08
C ASP A 267 -19.80 -20.49 -16.73
N PRO A 268 -20.96 -20.80 -17.35
CA PRO A 268 -22.19 -20.06 -17.09
C PRO A 268 -22.44 -19.89 -15.58
N ARG A 269 -21.94 -20.83 -14.78
CA ARG A 269 -22.10 -20.76 -13.31
C ARG A 269 -21.57 -19.45 -12.70
N PHE A 270 -20.26 -19.27 -12.69
CA PHE A 270 -19.65 -18.05 -12.09
C PHE A 270 -20.47 -16.79 -12.39
N ASN A 271 -21.00 -16.64 -13.60
CA ASN A 271 -21.66 -15.38 -13.96
C ASN A 271 -22.82 -15.07 -13.02
N ASP A 272 -23.31 -16.09 -12.30
CA ASP A 272 -24.25 -15.90 -11.21
C ASP A 272 -23.50 -15.43 -9.95
N ILE A 273 -22.63 -16.27 -9.37
CA ILE A 273 -22.14 -16.07 -8.02
C ILE A 273 -21.15 -14.89 -7.89
N LEU A 274 -20.29 -14.65 -8.87
CA LEU A 274 -19.25 -13.64 -8.77
C LEU A 274 -19.82 -12.31 -8.29
N GLY A 275 -20.94 -11.87 -8.86
CA GLY A 275 -21.54 -10.60 -8.50
C GLY A 275 -20.67 -9.38 -8.82
N ARG A 276 -20.75 -8.35 -7.95
CA ARG A 276 -20.05 -7.07 -8.10
C ARG A 276 -19.36 -6.71 -6.80
N HIS A 277 -18.04 -6.46 -6.85
CA HIS A 277 -17.22 -6.30 -5.66
C HIS A 277 -16.07 -5.31 -5.88
N SER A 278 -16.03 -4.27 -5.06
CA SER A 278 -14.93 -3.32 -5.05
C SER A 278 -13.65 -3.98 -4.56
N ARG A 279 -12.52 -3.41 -4.99
CA ARG A 279 -11.20 -3.89 -4.60
C ARG A 279 -10.92 -3.31 -3.22
N LYS A 280 -10.68 -4.21 -2.25
CA LYS A 280 -10.62 -3.83 -0.85
C LYS A 280 -9.20 -3.38 -0.50
N ARG A 281 -9.07 -2.59 0.56
CA ARG A 281 -7.77 -2.20 1.05
C ARG A 281 -7.33 -3.17 2.14
N TRP A 282 -6.02 -3.44 2.22
CA TRP A 282 -5.48 -4.45 3.13
C TRP A 282 -5.72 -4.11 4.59
N GLU A 283 -5.79 -2.82 4.95
CA GLU A 283 -5.93 -2.38 6.34
C GLU A 283 -7.03 -3.16 7.07
N ARG A 284 -8.03 -3.65 6.33
CA ARG A 284 -9.21 -4.22 6.97
C ARG A 284 -8.95 -5.65 7.45
N PHE A 285 -7.76 -6.20 7.22
CA PHE A 285 -7.38 -7.49 7.77
C PHE A 285 -6.34 -7.31 8.86
N VAL A 286 -6.09 -6.05 9.25
CA VAL A 286 -5.11 -5.73 10.29
C VAL A 286 -5.85 -5.56 11.62
N HIS A 287 -5.22 -6.03 12.70
CA HIS A 287 -5.72 -5.91 14.07
C HIS A 287 -4.49 -5.81 14.98
N SER A 288 -4.68 -5.68 16.29
CA SER A 288 -3.56 -5.46 17.20
C SER A 288 -2.60 -6.66 17.20
N GLU A 289 -3.12 -7.89 17.04
CA GLU A 289 -2.32 -9.10 17.18
C GLU A 289 -1.44 -9.38 15.97
N ASN A 290 -1.57 -8.65 14.85
CA ASN A 290 -0.77 -8.93 13.67
C ASN A 290 0.04 -7.71 13.22
N GLN A 291 -0.23 -6.52 13.77
CA GLN A 291 0.34 -5.25 13.30
C GLN A 291 1.87 -5.31 13.24
N HIS A 292 2.46 -6.09 14.16
CA HIS A 292 3.90 -6.21 14.25
C HIS A 292 4.48 -6.97 13.05
N LEU A 293 3.63 -7.56 12.19
CA LEU A 293 4.06 -8.27 10.98
C LEU A 293 3.75 -7.44 9.73
N VAL A 294 2.73 -6.58 9.85
CA VAL A 294 2.22 -5.81 8.72
C VAL A 294 2.96 -4.49 8.65
N SER A 295 3.31 -4.08 7.44
CA SER A 295 4.14 -2.91 7.25
C SER A 295 3.89 -2.42 5.84
N PRO A 296 4.10 -1.12 5.55
CA PRO A 296 3.91 -0.61 4.20
C PRO A 296 4.68 -1.42 3.15
N GLU A 297 5.92 -1.79 3.50
CA GLU A 297 6.75 -2.55 2.58
C GLU A 297 6.04 -3.87 2.27
N ALA A 298 5.41 -4.49 3.27
CA ALA A 298 4.85 -5.82 3.10
C ALA A 298 3.62 -5.81 2.21
N LEU A 299 2.79 -4.77 2.35
CA LEU A 299 1.54 -4.68 1.61
C LEU A 299 1.82 -4.31 0.16
N ASP A 300 2.82 -3.44 -0.07
CA ASP A 300 3.34 -3.23 -1.42
C ASP A 300 3.74 -4.57 -2.05
N PHE A 301 4.53 -5.38 -1.31
CA PHE A 301 5.00 -6.66 -1.81
C PHE A 301 3.80 -7.56 -2.13
N LEU A 302 2.83 -7.62 -1.22
CA LEU A 302 1.72 -8.56 -1.36
C LEU A 302 0.87 -8.21 -2.57
N ASP A 303 0.61 -6.91 -2.73
CA ASP A 303 -0.22 -6.39 -3.80
C ASP A 303 0.33 -6.77 -5.17
N LYS A 304 1.66 -6.79 -5.27
CA LYS A 304 2.36 -7.03 -6.52
C LYS A 304 2.50 -8.52 -6.82
N LEU A 305 2.05 -9.41 -5.91
CA LEU A 305 2.01 -10.85 -6.15
C LEU A 305 0.58 -11.29 -6.44
N LEU A 306 -0.37 -10.68 -5.74
CA LEU A 306 -1.75 -11.10 -5.86
C LEU A 306 -2.38 -10.31 -7.00
N ARG A 307 -2.18 -10.80 -8.21
CA ARG A 307 -2.83 -10.24 -9.37
C ARG A 307 -3.42 -11.36 -10.21
N TYR A 308 -4.69 -11.17 -10.61
CA TYR A 308 -5.38 -12.05 -11.54
C TYR A 308 -4.50 -12.33 -12.76
N ASP A 309 -3.93 -11.27 -13.32
CA ASP A 309 -3.13 -11.38 -14.53
C ASP A 309 -1.75 -11.91 -14.13
N HIS A 310 -1.51 -13.17 -14.51
CA HIS A 310 -0.26 -13.86 -14.24
C HIS A 310 0.93 -13.07 -14.81
N GLN A 311 0.75 -12.41 -15.96
CA GLN A 311 1.82 -11.68 -16.59
C GLN A 311 2.24 -10.44 -15.80
N SER A 312 1.38 -9.93 -14.91
CA SER A 312 1.72 -8.70 -14.20
C SER A 312 2.20 -8.99 -12.78
N ARG A 313 2.30 -10.27 -12.38
CA ARG A 313 2.85 -10.66 -11.08
C ARG A 313 4.35 -10.42 -11.03
N LEU A 314 4.93 -10.22 -9.84
CA LEU A 314 6.38 -10.12 -9.72
C LEU A 314 7.00 -11.45 -10.06
N THR A 315 8.13 -11.43 -10.74
CA THR A 315 8.94 -12.64 -10.81
C THR A 315 9.68 -12.81 -9.46
N ALA A 316 10.11 -14.06 -9.19
CA ALA A 316 10.91 -14.37 -8.02
C ALA A 316 12.08 -13.40 -7.87
N ARG A 317 12.79 -13.08 -8.96
CA ARG A 317 13.99 -12.27 -8.81
C ARG A 317 13.65 -10.81 -8.51
N GLU A 318 12.51 -10.35 -9.03
CA GLU A 318 12.04 -9.00 -8.74
C GLU A 318 11.56 -8.93 -7.29
N ALA A 319 10.90 -10.02 -6.87
CA ALA A 319 10.41 -10.16 -5.51
C ALA A 319 11.58 -10.03 -4.54
N MET A 320 12.69 -10.73 -4.82
CA MET A 320 13.88 -10.72 -3.98
C MET A 320 14.51 -9.33 -3.93
N GLU A 321 14.10 -8.46 -4.84
CA GLU A 321 14.66 -7.12 -4.93
C GLU A 321 13.74 -6.11 -4.25
N HIS A 322 12.59 -6.57 -3.75
CA HIS A 322 11.57 -5.71 -3.17
C HIS A 322 12.05 -5.15 -1.85
N PRO A 323 11.72 -3.87 -1.53
CA PRO A 323 12.02 -3.25 -0.23
C PRO A 323 11.73 -4.03 1.05
N TYR A 324 10.71 -4.89 1.03
CA TYR A 324 10.41 -5.75 2.16
C TYR A 324 11.63 -6.53 2.65
N PHE A 325 12.59 -6.82 1.77
CA PHE A 325 13.72 -7.69 2.15
C PHE A 325 15.04 -6.93 2.23
N TYR A 326 14.98 -5.60 2.25
CA TYR A 326 16.22 -4.78 2.25
C TYR A 326 17.10 -5.12 3.46
N THR A 327 16.48 -5.37 4.62
CA THR A 327 17.27 -5.64 5.84
C THR A 327 17.92 -7.01 5.75
N VAL A 328 17.19 -8.02 5.27
CA VAL A 328 17.73 -9.41 5.24
C VAL A 328 18.89 -9.49 4.25
N VAL A 329 18.82 -8.73 3.16
CA VAL A 329 19.88 -8.86 2.11
C VAL A 329 21.16 -8.20 2.60
N LYS A 330 21.05 -7.27 3.55
CA LYS A 330 22.24 -6.56 4.09
C LYS A 330 22.98 -7.48 5.06
N ASP A 331 22.28 -8.44 5.64
CA ASP A 331 22.96 -9.42 6.52
C ASP A 331 23.95 -10.19 5.66
N GLN A 332 23.55 -10.56 4.45
CA GLN A 332 24.48 -11.20 3.51
C GLN A 332 25.67 -10.29 3.23
N GLY B 4 -33.21 13.90 4.09
CA GLY B 4 -32.15 14.86 4.47
C GLY B 4 -30.79 14.18 4.63
N PRO B 5 -29.67 14.90 4.47
CA PRO B 5 -28.34 14.31 4.72
C PRO B 5 -28.14 13.90 6.17
N VAL B 6 -27.49 12.74 6.34
CA VAL B 6 -27.08 12.19 7.62
C VAL B 6 -26.03 13.13 8.22
N PRO B 7 -26.11 13.50 9.54
CA PRO B 7 -25.15 14.43 10.16
C PRO B 7 -23.82 13.77 10.47
N SER B 8 -22.83 14.58 10.87
CA SER B 8 -21.46 14.12 11.08
C SER B 8 -20.83 14.96 12.19
N ARG B 9 -19.96 14.34 12.98
CA ARG B 9 -19.20 15.00 14.03
C ARG B 9 -17.73 14.64 13.84
N ALA B 10 -16.83 15.59 14.16
CA ALA B 10 -15.39 15.31 14.20
C ALA B 10 -15.07 14.21 15.19
N ARG B 11 -14.09 13.36 14.86
CA ARG B 11 -13.71 12.20 15.71
C ARG B 11 -12.72 12.67 16.76
N VAL B 12 -12.10 13.83 16.53
CA VAL B 12 -11.23 14.39 17.55
C VAL B 12 -11.46 15.90 17.66
N TYR B 13 -11.05 16.44 18.81
CA TYR B 13 -11.19 17.85 19.09
C TYR B 13 -12.65 18.27 18.87
N THR B 14 -13.59 17.35 19.13
CA THR B 14 -15.00 17.56 18.87
C THR B 14 -15.57 18.72 19.69
N ASP B 15 -15.39 18.71 21.02
CA ASP B 15 -16.09 19.66 21.87
C ASP B 15 -15.16 20.73 22.43
N VAL B 16 -14.06 20.98 21.74
CA VAL B 16 -12.96 21.82 22.24
C VAL B 16 -13.46 23.26 22.42
N ASN B 17 -14.27 23.75 21.49
CA ASN B 17 -14.68 25.13 21.54
C ASN B 17 -15.82 25.36 22.54
N THR B 18 -16.67 24.35 22.74
CA THR B 18 -17.73 24.41 23.73
C THR B 18 -17.15 24.57 25.14
N HIS B 19 -15.97 23.97 25.40
CA HIS B 19 -15.34 23.95 26.71
C HIS B 19 -14.47 25.19 26.90
N ARG B 20 -14.39 26.06 25.88
CA ARG B 20 -13.61 27.29 26.00
C ARG B 20 -14.57 28.43 26.32
N PRO B 21 -14.11 29.50 27.00
CA PRO B 21 -14.92 30.69 27.21
C PRO B 21 -15.34 31.24 25.85
N ARG B 22 -16.53 31.82 25.79
CA ARG B 22 -17.16 32.15 24.51
C ARG B 22 -16.32 33.14 23.72
N GLU B 23 -15.60 34.06 24.40
CA GLU B 23 -14.83 35.09 23.71
C GLU B 23 -13.84 34.43 22.73
N TYR B 24 -13.41 33.21 23.05
CA TYR B 24 -12.45 32.47 22.26
C TYR B 24 -12.89 32.39 20.80
N TRP B 25 -14.17 32.03 20.57
CA TRP B 25 -14.72 31.69 19.26
C TRP B 25 -15.86 32.61 18.79
N ASP B 26 -16.37 33.48 19.66
CA ASP B 26 -17.45 34.37 19.27
C ASP B 26 -16.81 35.64 18.73
N TYR B 27 -16.19 35.49 17.57
CA TYR B 27 -15.23 36.48 17.08
C TYR B 27 -15.95 37.79 16.80
N GLU B 28 -17.25 37.76 16.48
CA GLU B 28 -17.92 39.02 16.15
C GLU B 28 -17.83 40.01 17.31
N SER B 29 -17.67 39.52 18.55
CA SER B 29 -17.56 40.43 19.69
C SER B 29 -16.14 41.00 19.84
N HIS B 30 -15.15 40.46 19.12
CA HIS B 30 -13.77 40.87 19.32
C HIS B 30 -13.55 42.34 18.93
N VAL B 31 -12.92 43.11 19.82
CA VAL B 31 -12.64 44.52 19.55
C VAL B 31 -11.16 44.67 19.24
N VAL B 32 -10.88 45.36 18.13
CA VAL B 32 -9.52 45.49 17.65
C VAL B 32 -8.86 46.70 18.31
N GLU B 33 -7.73 46.46 18.98
CA GLU B 33 -6.90 47.53 19.49
C GLU B 33 -5.87 47.89 18.42
N TRP B 34 -6.11 48.99 17.69
CA TRP B 34 -5.27 49.34 16.55
C TRP B 34 -3.83 49.66 16.96
N GLY B 35 -2.91 49.42 16.03
CA GLY B 35 -1.51 49.82 16.15
C GLY B 35 -1.29 51.14 15.42
N ASN B 36 -0.05 51.64 15.50
CA ASN B 36 0.31 52.87 14.84
C ASN B 36 0.82 52.55 13.43
N GLN B 37 0.07 53.00 12.41
CA GLN B 37 0.42 52.67 11.01
C GLN B 37 1.76 53.29 10.62
N ASP B 38 2.05 54.49 11.12
CA ASP B 38 3.26 55.19 10.74
C ASP B 38 4.51 54.50 11.26
N ASP B 39 4.34 53.56 12.17
CA ASP B 39 5.46 52.79 12.64
C ASP B 39 6.12 52.01 11.49
N TYR B 40 5.37 51.78 10.40
CA TYR B 40 5.83 50.91 9.33
C TYR B 40 5.93 51.66 8.00
N GLN B 41 7.12 51.61 7.39
CA GLN B 41 7.33 52.08 6.03
C GLN B 41 7.48 50.88 5.10
N LEU B 42 6.70 50.88 4.01
CA LEU B 42 6.71 49.82 3.02
C LEU B 42 7.94 49.95 2.11
N VAL B 43 8.54 48.78 1.84
CA VAL B 43 9.76 48.68 1.05
C VAL B 43 9.41 48.27 -0.37
N ARG B 44 8.72 47.13 -0.50
CA ARG B 44 8.51 46.53 -1.82
C ARG B 44 7.31 45.58 -1.79
N LYS B 45 6.62 45.46 -2.93
CA LYS B 45 5.49 44.57 -3.05
C LYS B 45 5.98 43.15 -3.25
N LEU B 46 5.49 42.21 -2.45
CA LEU B 46 5.84 40.80 -2.58
C LEU B 46 4.81 40.01 -3.40
N GLY B 47 3.51 40.36 -3.35
CA GLY B 47 2.50 39.60 -4.08
C GLY B 47 1.10 40.22 -3.98
N ARG B 48 0.14 39.60 -4.66
CA ARG B 48 -1.27 40.06 -4.62
C ARG B 48 -2.15 38.80 -4.60
N GLY B 49 -3.26 38.80 -3.87
CA GLY B 49 -4.02 37.56 -3.79
C GLY B 49 -5.49 37.64 -3.38
N LYS B 50 -6.37 38.23 -4.18
CA LYS B 50 -7.81 38.02 -4.02
C LYS B 50 -8.35 38.79 -2.81
N TYR B 51 -7.74 38.61 -1.61
CA TYR B 51 -8.14 39.29 -0.38
C TYR B 51 -7.14 40.35 0.11
N SER B 52 -5.91 40.39 -0.46
CA SER B 52 -4.90 41.32 0.04
C SER B 52 -3.80 41.59 -0.99
N GLU B 53 -3.09 42.68 -0.71
CA GLU B 53 -1.83 42.98 -1.34
C GLU B 53 -0.74 42.85 -0.28
N VAL B 54 0.33 42.14 -0.61
CA VAL B 54 1.32 41.80 0.39
C VAL B 54 2.62 42.58 0.09
N PHE B 55 3.10 43.32 1.09
CA PHE B 55 4.30 44.14 0.97
C PHE B 55 5.33 43.80 2.06
N GLU B 56 6.59 44.14 1.81
CA GLU B 56 7.65 44.06 2.81
C GLU B 56 7.89 45.47 3.32
N ALA B 57 7.88 45.62 4.65
CA ALA B 57 8.06 46.93 5.27
C ALA B 57 9.12 46.85 6.36
N ILE B 58 9.50 47.99 6.86
CA ILE B 58 10.37 48.01 8.01
C ILE B 58 9.62 48.73 9.12
N ASN B 59 9.77 48.24 10.37
CA ASN B 59 9.23 48.91 11.54
C ASN B 59 10.24 49.95 11.98
N ILE B 60 9.91 51.25 11.84
CA ILE B 60 10.92 52.29 12.00
C ILE B 60 11.28 52.45 13.49
N THR B 61 10.49 51.82 14.38
CA THR B 61 10.68 51.89 15.83
C THR B 61 11.77 50.94 16.32
N ASN B 62 12.21 49.99 15.48
CA ASN B 62 13.21 48.99 15.91
C ASN B 62 14.05 48.49 14.73
N ASN B 63 14.01 49.18 13.60
CA ASN B 63 14.70 48.75 12.39
C ASN B 63 14.62 47.23 12.21
N GLU B 64 13.43 46.65 12.49
CA GLU B 64 13.18 45.24 12.20
C GLU B 64 12.22 45.11 11.03
N LYS B 65 12.53 44.13 10.16
CA LYS B 65 11.82 43.89 8.92
C LYS B 65 10.53 43.11 9.22
N VAL B 66 9.49 43.33 8.40
CA VAL B 66 8.14 42.93 8.72
C VAL B 66 7.35 42.67 7.43
N VAL B 67 6.24 41.90 7.50
CA VAL B 67 5.41 41.67 6.33
C VAL B 67 4.00 42.22 6.55
N VAL B 68 3.52 43.02 5.59
CA VAL B 68 2.24 43.71 5.72
C VAL B 68 1.24 43.16 4.69
N LYS B 69 0.12 42.58 5.13
CA LYS B 69 -0.98 42.25 4.24
C LYS B 69 -2.03 43.35 4.30
N ILE B 70 -2.10 44.21 3.29
CA ILE B 70 -3.17 45.19 3.23
C ILE B 70 -4.41 44.50 2.66
N LEU B 71 -5.53 44.60 3.37
CA LEU B 71 -6.76 43.92 2.99
C LEU B 71 -7.53 44.68 1.93
N LYS B 72 -8.07 43.92 0.98
CA LYS B 72 -9.15 44.38 0.13
C LYS B 72 -10.46 44.37 0.92
N PRO B 73 -11.38 45.31 0.65
CA PRO B 73 -12.68 45.33 1.31
C PRO B 73 -13.34 43.97 1.35
N VAL B 74 -13.60 43.50 2.58
CA VAL B 74 -14.40 42.32 2.83
C VAL B 74 -15.36 42.62 3.98
N LYS B 75 -16.22 41.65 4.28
CA LYS B 75 -17.10 41.70 5.44
C LYS B 75 -16.25 41.84 6.70
N LYS B 76 -16.58 42.82 7.55
CA LYS B 76 -15.81 43.10 8.75
C LYS B 76 -15.79 41.86 9.65
N LYS B 77 -16.80 41.03 9.56
CA LYS B 77 -16.86 39.78 10.30
C LYS B 77 -15.70 38.86 9.89
N LYS B 78 -15.30 38.82 8.61
CA LYS B 78 -14.24 37.89 8.23
C LYS B 78 -12.90 38.40 8.75
N ILE B 79 -12.78 39.72 8.90
CA ILE B 79 -11.55 40.34 9.36
C ILE B 79 -11.36 40.00 10.84
N LYS B 80 -12.42 40.13 11.63
CA LYS B 80 -12.39 39.81 13.04
C LYS B 80 -12.14 38.32 13.21
N ARG B 81 -12.80 37.50 12.39
CA ARG B 81 -12.52 36.08 12.40
C ARG B 81 -11.02 35.81 12.24
N GLU B 82 -10.39 36.40 11.20
CA GLU B 82 -9.02 36.08 10.90
C GLU B 82 -8.16 36.55 12.06
N ILE B 83 -8.42 37.77 12.53
CA ILE B 83 -7.59 38.35 13.56
C ILE B 83 -7.69 37.45 14.79
N LYS B 84 -8.90 36.98 15.11
CA LYS B 84 -9.11 36.25 16.33
C LYS B 84 -8.37 34.91 16.22
N ILE B 85 -8.52 34.27 15.06
CA ILE B 85 -7.91 32.97 14.84
C ILE B 85 -6.38 33.09 14.96
N LEU B 86 -5.83 34.21 14.48
CA LEU B 86 -4.39 34.43 14.49
C LEU B 86 -3.89 34.69 15.91
N GLU B 87 -4.70 35.39 16.73
CA GLU B 87 -4.38 35.70 18.12
C GLU B 87 -4.45 34.44 18.95
N ASN B 88 -5.42 33.58 18.66
CA ASN B 88 -5.59 32.30 19.33
C ASN B 88 -4.43 31.35 19.01
N LEU B 89 -3.95 31.33 17.75
CA LEU B 89 -2.95 30.35 17.36
C LEU B 89 -1.54 30.85 17.63
N ARG B 90 -1.41 32.14 17.96
CA ARG B 90 -0.10 32.76 18.10
C ARG B 90 0.75 31.94 19.06
N GLY B 91 1.97 31.60 18.61
CA GLY B 91 2.96 30.92 19.42
C GLY B 91 2.93 29.40 19.26
N GLY B 92 1.94 28.91 18.50
CA GLY B 92 1.89 27.52 18.10
C GLY B 92 2.96 27.15 17.05
N PRO B 93 3.24 25.84 16.91
CA PRO B 93 4.35 25.37 16.07
C PRO B 93 4.07 25.65 14.61
N ASN B 94 5.00 26.40 14.01
CA ASN B 94 5.01 26.66 12.57
C ASN B 94 3.78 27.47 12.14
N ILE B 95 3.15 28.18 13.08
CA ILE B 95 2.05 29.09 12.75
C ILE B 95 2.62 30.50 12.57
N ILE B 96 2.25 31.16 11.47
CA ILE B 96 2.73 32.50 11.26
C ILE B 96 2.32 33.40 12.43
N THR B 97 3.19 34.31 12.83
CA THR B 97 2.99 35.14 14.01
C THR B 97 2.45 36.51 13.64
N LEU B 98 1.24 36.86 14.12
CA LEU B 98 0.70 38.19 13.90
C LEU B 98 1.35 39.17 14.88
N ALA B 99 1.82 40.29 14.34
CA ALA B 99 2.63 41.22 15.10
C ALA B 99 1.84 42.47 15.48
N ASP B 100 0.98 42.93 14.56
CA ASP B 100 0.28 44.19 14.75
C ASP B 100 -0.86 44.25 13.74
N ILE B 101 -1.75 45.23 13.94
CA ILE B 101 -2.92 45.49 13.13
C ILE B 101 -3.06 47.01 13.06
N VAL B 102 -2.85 47.60 11.87
CA VAL B 102 -2.97 49.04 11.70
C VAL B 102 -4.05 49.33 10.66
N LYS B 103 -4.52 50.57 10.58
CA LYS B 103 -5.46 50.96 9.53
C LYS B 103 -4.69 51.75 8.48
N ASP B 104 -4.58 51.17 7.28
CA ASP B 104 -3.85 51.76 6.17
C ASP B 104 -4.41 53.15 5.89
N PRO B 105 -3.55 54.17 5.70
CA PRO B 105 -4.02 55.51 5.36
C PRO B 105 -4.73 55.68 4.01
N VAL B 106 -4.54 54.74 3.05
CA VAL B 106 -5.03 54.94 1.69
C VAL B 106 -6.19 53.97 1.37
N SER B 107 -6.10 52.70 1.77
CA SER B 107 -7.23 51.79 1.65
C SER B 107 -8.30 52.08 2.71
N ARG B 108 -7.90 52.76 3.80
CA ARG B 108 -8.72 52.91 4.99
C ARG B 108 -9.26 51.53 5.32
N THR B 109 -8.46 50.51 5.03
CA THR B 109 -8.79 49.12 5.30
C THR B 109 -7.75 48.66 6.31
N PRO B 110 -7.99 47.56 7.03
CA PRO B 110 -6.96 46.98 7.88
C PRO B 110 -5.75 46.45 7.13
N ALA B 111 -4.54 46.75 7.64
CA ALA B 111 -3.32 46.04 7.28
C ALA B 111 -2.95 45.15 8.45
N LEU B 112 -2.67 43.87 8.15
CA LEU B 112 -2.13 42.94 9.12
C LEU B 112 -0.61 42.94 8.96
N VAL B 113 0.10 43.00 10.08
CA VAL B 113 1.54 43.07 10.11
C VAL B 113 2.03 41.77 10.74
N PHE B 114 3.03 41.13 10.14
CA PHE B 114 3.42 39.79 10.56
C PHE B 114 4.93 39.72 10.69
N GLU B 115 5.41 38.62 11.29
CA GLU B 115 6.82 38.31 11.32
C GLU B 115 7.31 38.12 9.89
N HIS B 116 8.58 38.47 9.66
CA HIS B 116 9.28 38.31 8.39
C HIS B 116 9.95 36.94 8.34
N VAL B 117 9.55 36.12 7.37
CA VAL B 117 10.16 34.77 7.19
C VAL B 117 10.60 34.68 5.73
N ASN B 118 11.90 34.54 5.48
CA ASN B 118 12.39 34.55 4.08
C ASN B 118 12.06 33.22 3.40
N ASN B 119 11.71 33.26 2.12
CA ASN B 119 11.36 32.04 1.37
C ASN B 119 12.53 31.58 0.51
N THR B 120 12.73 30.28 0.41
CA THR B 120 13.77 29.74 -0.49
C THR B 120 13.15 29.67 -1.89
N ASP B 121 13.96 29.86 -2.94
CA ASP B 121 13.47 29.82 -4.34
C ASP B 121 12.75 28.49 -4.60
N PHE B 122 11.59 28.57 -5.23
CA PHE B 122 10.79 27.35 -5.48
C PHE B 122 11.50 26.49 -6.53
N LYS B 123 12.10 27.13 -7.53
CA LYS B 123 12.85 26.38 -8.56
C LYS B 123 13.97 25.59 -7.88
N GLN B 124 14.71 26.26 -7.00
CA GLN B 124 15.78 25.56 -6.26
C GLN B 124 15.16 24.36 -5.53
N LEU B 125 14.16 24.62 -4.69
CA LEU B 125 13.55 23.55 -3.86
C LEU B 125 13.01 22.42 -4.74
N TYR B 126 12.06 22.73 -5.64
CA TYR B 126 11.43 21.67 -6.48
C TYR B 126 12.52 20.80 -7.11
N GLN B 127 13.73 21.34 -7.28
CA GLN B 127 14.80 20.57 -7.97
C GLN B 127 15.75 19.96 -6.94
N THR B 128 15.83 20.52 -5.74
CA THR B 128 16.83 20.03 -4.74
C THR B 128 16.12 19.36 -3.55
N LEU B 129 14.90 18.85 -3.74
CA LEU B 129 14.19 18.27 -2.57
C LEU B 129 14.46 16.77 -2.50
N THR B 130 14.81 16.28 -1.32
CA THR B 130 15.07 14.84 -1.14
C THR B 130 13.83 14.16 -0.58
N ASP B 131 13.80 12.83 -0.60
CA ASP B 131 12.67 12.09 0.03
C ASP B 131 12.62 12.52 1.50
N TYR B 132 13.77 12.59 2.15
CA TYR B 132 13.82 13.03 3.57
C TYR B 132 13.34 14.44 3.68
N ASP B 133 13.92 15.36 2.91
CA ASP B 133 13.53 16.75 3.06
C ASP B 133 12.01 16.90 2.98
N ILE B 134 11.35 16.11 2.14
CA ILE B 134 9.90 16.16 2.02
C ILE B 134 9.29 15.70 3.34
N ARG B 135 9.75 14.54 3.82
CA ARG B 135 9.22 13.97 5.05
C ARG B 135 9.29 15.00 6.16
N PHE B 136 10.45 15.64 6.30
CA PHE B 136 10.70 16.64 7.34
C PHE B 136 9.64 17.74 7.27
N TYR B 137 9.43 18.34 6.09
CA TYR B 137 8.55 19.49 6.01
C TYR B 137 7.07 19.07 6.08
N MET B 138 6.73 17.84 5.68
CA MET B 138 5.36 17.38 5.78
C MET B 138 5.02 17.16 7.25
N TYR B 139 6.02 16.75 8.02
CA TYR B 139 5.86 16.53 9.45
C TYR B 139 5.67 17.88 10.13
N GLU B 140 6.45 18.87 9.67
CA GLU B 140 6.36 20.21 10.22
C GLU B 140 5.00 20.81 9.93
N ILE B 141 4.38 20.43 8.79
CA ILE B 141 3.04 20.94 8.49
C ILE B 141 2.03 20.27 9.41
N LEU B 142 2.22 18.98 9.69
CA LEU B 142 1.29 18.26 10.53
C LEU B 142 1.27 18.84 11.94
N LYS B 143 2.42 19.21 12.50
CA LYS B 143 2.47 19.92 13.78
C LYS B 143 1.53 21.13 13.78
N ALA B 144 1.56 21.94 12.71
CA ALA B 144 0.75 23.14 12.64
C ALA B 144 -0.73 22.76 12.56
N LEU B 145 -1.02 21.72 11.80
CA LEU B 145 -2.40 21.29 11.64
C LEU B 145 -2.86 20.65 12.94
N ASP B 146 -2.01 19.87 13.59
CA ASP B 146 -2.49 19.23 14.79
C ASP B 146 -2.64 20.27 15.89
N TYR B 147 -1.95 21.41 15.82
CA TYR B 147 -2.13 22.42 16.84
C TYR B 147 -3.46 23.15 16.60
N CYS B 148 -3.71 23.61 15.35
CA CYS B 148 -4.91 24.41 15.07
C CYS B 148 -6.18 23.61 15.31
N HIS B 149 -6.15 22.32 14.99
CA HIS B 149 -7.34 21.47 15.21
C HIS B 149 -7.54 21.30 16.72
N SER B 150 -6.46 21.07 17.44
CA SER B 150 -6.51 20.94 18.90
C SER B 150 -7.07 22.23 19.54
N MET B 151 -6.97 23.33 18.82
CA MET B 151 -7.44 24.63 19.23
C MET B 151 -8.78 24.96 18.56
N GLY B 152 -9.42 23.96 17.96
CA GLY B 152 -10.79 24.11 17.49
C GLY B 152 -10.89 24.86 16.17
N ILE B 153 -9.80 24.87 15.41
CA ILE B 153 -9.77 25.68 14.16
C ILE B 153 -9.42 24.83 12.93
N MET B 154 -10.16 25.00 11.85
CA MET B 154 -9.81 24.34 10.57
C MET B 154 -9.26 25.42 9.64
N HIS B 155 -8.12 25.18 8.98
CA HIS B 155 -7.52 26.18 8.04
C HIS B 155 -8.42 26.34 6.82
N ARG B 156 -8.81 25.25 6.16
CA ARG B 156 -9.73 25.27 5.02
C ARG B 156 -9.07 25.83 3.76
N ASP B 157 -7.75 26.02 3.77
CA ASP B 157 -7.09 26.43 2.56
C ASP B 157 -5.65 25.92 2.57
N VAL B 158 -5.49 24.64 2.89
CA VAL B 158 -4.17 24.04 2.85
C VAL B 158 -3.79 23.83 1.39
N LYS B 159 -2.63 24.35 0.99
CA LYS B 159 -2.08 24.26 -0.35
C LYS B 159 -0.65 24.76 -0.35
N PRO B 160 0.22 24.44 -1.33
CA PRO B 160 1.61 24.95 -1.35
C PRO B 160 1.75 26.46 -1.20
N HIS B 161 0.84 27.22 -1.84
CA HIS B 161 0.88 28.68 -1.71
C HIS B 161 0.84 29.07 -0.23
N ASN B 162 0.21 28.28 0.65
CA ASN B 162 0.07 28.73 2.03
C ASN B 162 1.09 28.06 2.95
N VAL B 163 2.22 27.60 2.42
CA VAL B 163 3.31 27.07 3.23
C VAL B 163 4.60 27.75 2.80
N MET B 164 5.27 28.40 3.74
CA MET B 164 6.50 29.12 3.47
C MET B 164 7.63 28.28 4.02
N ILE B 165 8.75 28.21 3.31
CA ILE B 165 9.92 27.48 3.76
C ILE B 165 11.15 28.37 3.67
N ASP B 166 11.90 28.44 4.77
CA ASP B 166 13.25 28.99 4.76
C ASP B 166 14.22 27.81 4.85
N HIS B 167 14.54 27.20 3.70
CA HIS B 167 15.36 26.01 3.63
C HIS B 167 16.75 26.27 4.21
N GLU B 168 17.24 27.51 4.12
CA GLU B 168 18.46 27.84 4.83
C GLU B 168 18.28 27.43 6.30
N HIS B 169 17.24 27.96 6.96
CA HIS B 169 17.08 27.87 8.40
C HIS B 169 16.23 26.66 8.81
N ARG B 170 15.76 25.88 7.83
CA ARG B 170 14.96 24.69 8.09
C ARG B 170 13.69 25.08 8.85
N LYS B 171 13.17 26.25 8.49
CA LYS B 171 11.98 26.81 9.20
C LYS B 171 10.76 26.76 8.27
N LEU B 172 9.57 26.63 8.86
CA LEU B 172 8.37 26.50 8.06
C LEU B 172 7.20 27.19 8.76
N ARG B 173 6.37 27.86 7.97
CA ARG B 173 5.20 28.55 8.47
C ARG B 173 3.98 28.16 7.64
N LEU B 174 2.86 27.98 8.33
CA LEU B 174 1.58 27.91 7.68
C LEU B 174 0.95 29.29 7.81
N ILE B 175 0.48 29.79 6.66
CA ILE B 175 0.04 31.17 6.48
C ILE B 175 -1.34 31.16 5.84
N ASP B 176 -1.87 32.38 5.63
CA ASP B 176 -3.14 32.67 4.97
C ASP B 176 -4.31 32.05 5.72
N TRP B 177 -4.59 32.55 6.94
CA TRP B 177 -5.69 32.07 7.77
C TRP B 177 -7.02 32.75 7.46
N GLY B 178 -7.16 33.32 6.27
CA GLY B 178 -8.37 34.09 5.97
C GLY B 178 -9.63 33.26 5.73
N LEU B 179 -9.53 31.98 5.38
CA LEU B 179 -10.72 31.15 5.19
C LEU B 179 -10.94 30.19 6.36
N ALA B 180 -10.11 30.36 7.39
CA ALA B 180 -10.13 29.46 8.54
C ALA B 180 -11.36 29.75 9.39
N GLU B 181 -11.82 28.71 10.09
CA GLU B 181 -13.09 28.74 10.79
C GLU B 181 -13.00 27.86 12.06
N PHE B 182 -13.80 28.22 13.09
CA PHE B 182 -13.88 27.43 14.30
C PHE B 182 -14.77 26.23 14.02
N TYR B 183 -14.37 25.06 14.50
CA TYR B 183 -15.18 23.86 14.43
C TYR B 183 -16.15 23.82 15.62
N HIS B 184 -17.44 23.71 15.31
CA HIS B 184 -18.46 23.48 16.31
C HIS B 184 -19.29 22.31 15.82
N PRO B 185 -19.56 21.30 16.66
CA PRO B 185 -20.36 20.15 16.23
C PRO B 185 -21.80 20.53 15.87
N GLY B 186 -22.26 19.91 14.77
CA GLY B 186 -23.56 20.21 14.20
C GLY B 186 -23.55 21.37 13.21
N GLN B 187 -22.43 22.10 13.09
CA GLN B 187 -22.44 23.29 12.26
C GLN B 187 -22.38 22.90 10.80
N GLU B 188 -23.15 23.62 9.98
CA GLU B 188 -23.13 23.53 8.54
C GLU B 188 -22.32 24.72 8.03
N TYR B 189 -21.18 24.42 7.38
CA TYR B 189 -20.27 25.44 6.90
C TYR B 189 -20.45 25.60 5.38
N ASN B 190 -19.89 26.69 4.86
CA ASN B 190 -19.88 26.99 3.44
C ASN B 190 -18.88 26.08 2.74
N VAL B 191 -19.27 25.52 1.58
CA VAL B 191 -18.39 24.62 0.85
C VAL B 191 -17.52 25.38 -0.16
N ARG B 192 -17.83 26.67 -0.35
CA ARG B 192 -17.05 27.53 -1.23
C ARG B 192 -15.82 28.01 -0.45
N VAL B 193 -15.01 27.05 -0.01
CA VAL B 193 -13.70 27.33 0.55
C VAL B 193 -12.67 26.45 -0.17
N ALA B 194 -11.39 26.73 0.09
CA ALA B 194 -10.24 26.06 -0.51
C ALA B 194 -10.18 26.36 -2.00
N SER B 195 -8.98 26.12 -2.56
CA SER B 195 -8.73 26.16 -3.99
C SER B 195 -9.14 24.82 -4.60
N ARG B 196 -9.66 24.88 -5.82
CA ARG B 196 -10.30 23.74 -6.47
C ARG B 196 -9.45 22.46 -6.41
N TYR B 197 -8.13 22.56 -6.65
CA TYR B 197 -7.29 21.38 -6.75
C TYR B 197 -7.18 20.70 -5.38
N PHE B 198 -7.34 21.50 -4.31
CA PHE B 198 -7.17 21.01 -2.95
C PHE B 198 -8.50 20.79 -2.22
N LYS B 199 -9.63 20.72 -2.93
CA LYS B 199 -10.93 20.65 -2.28
C LYS B 199 -11.29 19.19 -2.00
N GLY B 200 -11.78 18.91 -0.79
CA GLY B 200 -12.29 17.58 -0.46
C GLY B 200 -13.60 17.30 -1.19
N PRO B 201 -13.94 16.01 -1.37
CA PRO B 201 -15.21 15.61 -1.98
C PRO B 201 -16.45 16.14 -1.27
N GLU B 202 -16.36 16.18 0.06
CA GLU B 202 -17.43 16.72 0.89
C GLU B 202 -17.86 18.07 0.33
N LEU B 203 -16.91 18.94 0.00
CA LEU B 203 -17.24 20.25 -0.53
C LEU B 203 -17.79 20.13 -1.96
N LEU B 204 -17.24 19.23 -2.78
CA LEU B 204 -17.65 19.11 -4.17
C LEU B 204 -19.05 18.49 -4.30
N VAL B 205 -19.45 17.62 -3.35
CA VAL B 205 -20.80 17.05 -3.35
C VAL B 205 -21.72 17.87 -2.45
N ASP B 206 -21.21 18.96 -1.88
CA ASP B 206 -22.00 19.89 -1.09
C ASP B 206 -22.45 19.25 0.22
N TYR B 207 -21.47 18.70 0.98
CA TYR B 207 -21.69 18.21 2.32
C TYR B 207 -21.08 19.19 3.31
N GLN B 208 -21.97 19.85 4.06
CA GLN B 208 -21.62 21.09 4.75
C GLN B 208 -21.19 20.85 6.19
N MET B 209 -21.44 19.64 6.71
CA MET B 209 -21.18 19.36 8.11
C MET B 209 -19.80 18.73 8.19
N TYR B 210 -18.85 19.42 7.56
CA TYR B 210 -17.49 18.93 7.42
C TYR B 210 -16.70 19.36 8.65
N ASP B 211 -15.42 19.00 8.74
CA ASP B 211 -14.64 19.24 9.93
C ASP B 211 -13.15 19.31 9.60
N TYR B 212 -12.31 19.16 10.64
CA TYR B 212 -10.86 19.26 10.51
C TYR B 212 -10.32 18.34 9.40
N SER B 213 -11.03 17.23 9.15
CA SER B 213 -10.62 16.20 8.22
C SER B 213 -10.42 16.75 6.80
N LEU B 214 -11.13 17.86 6.50
CA LEU B 214 -10.95 18.61 5.27
C LEU B 214 -9.49 18.97 5.07
N ASP B 215 -8.81 19.40 6.13
CA ASP B 215 -7.42 19.81 6.00
C ASP B 215 -6.52 18.63 5.59
N MET B 216 -6.94 17.40 5.89
CA MET B 216 -6.07 16.26 5.71
C MET B 216 -6.13 15.76 4.26
N TRP B 217 -7.28 15.95 3.60
CA TRP B 217 -7.41 15.68 2.18
C TRP B 217 -6.54 16.64 1.38
N SER B 218 -6.71 17.93 1.66
CA SER B 218 -5.85 18.95 1.11
C SER B 218 -4.38 18.52 1.20
N LEU B 219 -3.98 18.02 2.37
CA LEU B 219 -2.59 17.66 2.62
C LEU B 219 -2.20 16.49 1.70
N GLY B 220 -3.09 15.53 1.58
CA GLY B 220 -2.92 14.45 0.63
C GLY B 220 -2.61 14.97 -0.77
N CYS B 221 -3.41 15.92 -1.25
CA CYS B 221 -3.26 16.47 -2.58
C CYS B 221 -1.84 17.01 -2.77
N MET B 222 -1.30 17.63 -1.73
CA MET B 222 0.08 18.13 -1.70
C MET B 222 1.12 17.00 -1.70
N LEU B 223 0.89 15.94 -0.93
CA LEU B 223 1.86 14.85 -0.86
C LEU B 223 1.96 14.19 -2.23
N ALA B 224 0.81 13.89 -2.82
CA ALA B 224 0.75 13.44 -4.20
C ALA B 224 1.66 14.32 -5.08
N SER B 225 1.44 15.64 -5.06
CA SER B 225 2.11 16.46 -6.05
C SER B 225 3.62 16.39 -5.82
N MET B 226 4.03 16.40 -4.54
CA MET B 226 5.44 16.33 -4.21
C MET B 226 6.07 14.99 -4.65
N ILE B 227 5.53 13.85 -4.19
CA ILE B 227 6.15 12.55 -4.50
C ILE B 227 6.08 12.19 -5.99
N PHE B 228 5.03 12.63 -6.72
CA PHE B 228 4.79 12.21 -8.09
C PHE B 228 5.19 13.30 -9.10
N ARG B 229 5.57 14.48 -8.61
CA ARG B 229 6.05 15.58 -9.43
C ARG B 229 4.97 16.02 -10.43
N LYS B 230 3.71 16.12 -10.01
CA LYS B 230 2.65 16.70 -10.81
C LYS B 230 1.98 17.80 -9.98
N GLU B 231 2.12 19.09 -10.37
CA GLU B 231 1.99 20.21 -9.43
C GLU B 231 0.54 20.36 -8.97
N PRO B 232 -0.47 20.51 -9.87
CA PRO B 232 -1.84 20.23 -9.44
C PRO B 232 -1.98 18.74 -9.72
N PHE B 233 -2.01 17.89 -8.68
CA PHE B 233 -2.10 16.47 -8.90
C PHE B 233 -3.47 16.13 -9.48
N PHE B 234 -4.55 16.61 -8.85
CA PHE B 234 -5.88 16.61 -9.44
C PHE B 234 -6.12 17.96 -10.11
N HIS B 235 -6.14 18.03 -11.44
CA HIS B 235 -6.08 19.29 -12.16
C HIS B 235 -7.36 19.44 -13.00
N GLY B 236 -8.52 19.50 -12.32
CA GLY B 236 -9.81 19.67 -12.98
C GLY B 236 -10.05 21.12 -13.36
N HIS B 237 -10.93 21.36 -14.34
CA HIS B 237 -11.09 22.70 -14.91
C HIS B 237 -12.23 23.46 -14.23
N ASP B 238 -13.12 22.75 -13.51
CA ASP B 238 -14.17 23.32 -12.66
C ASP B 238 -14.47 22.35 -11.51
N ASN B 239 -15.47 22.66 -10.68
CA ASN B 239 -15.77 21.84 -9.51
C ASN B 239 -16.21 20.43 -9.90
N TYR B 240 -16.94 20.27 -10.99
CA TYR B 240 -17.44 18.96 -11.38
C TYR B 240 -16.31 18.10 -11.92
N ASP B 241 -15.47 18.70 -12.76
CA ASP B 241 -14.36 17.99 -13.38
C ASP B 241 -13.37 17.56 -12.30
N GLN B 242 -13.37 18.27 -11.16
CA GLN B 242 -12.43 17.97 -10.09
C GLN B 242 -12.78 16.61 -9.48
N LEU B 243 -14.07 16.31 -9.36
CA LEU B 243 -14.48 15.06 -8.74
C LEU B 243 -14.27 13.91 -9.72
N VAL B 244 -14.50 14.19 -10.99
CA VAL B 244 -14.25 13.21 -12.04
C VAL B 244 -12.77 12.82 -12.04
N ARG B 245 -11.89 13.82 -11.95
CA ARG B 245 -10.46 13.59 -11.82
C ARG B 245 -10.21 12.63 -10.64
N ILE B 246 -10.83 12.94 -9.49
CA ILE B 246 -10.63 12.20 -8.26
C ILE B 246 -11.16 10.77 -8.41
N ALA B 247 -12.31 10.62 -9.07
CA ALA B 247 -12.91 9.31 -9.24
C ALA B 247 -12.12 8.46 -10.23
N LYS B 248 -11.44 9.10 -11.19
CA LYS B 248 -10.64 8.37 -12.17
C LYS B 248 -9.40 7.75 -11.50
N VAL B 249 -9.13 8.14 -10.26
CA VAL B 249 -8.04 7.57 -9.47
C VAL B 249 -8.60 6.70 -8.35
N LEU B 250 -9.47 7.30 -7.52
CA LEU B 250 -10.01 6.66 -6.33
C LEU B 250 -11.12 5.66 -6.65
N GLY B 251 -11.66 5.71 -7.88
CA GLY B 251 -12.72 4.83 -8.30
C GLY B 251 -14.08 5.40 -7.95
N THR B 252 -15.14 4.80 -8.50
CA THR B 252 -16.47 5.33 -8.30
C THR B 252 -17.24 4.56 -7.22
N GLU B 253 -16.87 3.33 -6.92
CA GLU B 253 -17.70 2.54 -6.05
C GLU B 253 -17.62 3.05 -4.61
N ASP B 254 -16.41 3.40 -4.14
CA ASP B 254 -16.22 4.02 -2.83
C ASP B 254 -16.90 5.38 -2.74
N LEU B 255 -16.99 6.08 -3.87
CA LEU B 255 -17.73 7.34 -3.94
C LEU B 255 -19.21 7.08 -3.75
N TYR B 256 -19.79 6.17 -4.53
CA TYR B 256 -21.21 5.92 -4.39
C TYR B 256 -21.53 5.38 -3.00
N ASP B 257 -20.57 4.73 -2.35
CA ASP B 257 -20.72 4.28 -0.98
C ASP B 257 -20.71 5.47 -0.03
N TYR B 258 -19.91 6.50 -0.36
CA TYR B 258 -19.87 7.73 0.43
C TYR B 258 -21.25 8.41 0.44
N ILE B 259 -21.77 8.73 -0.76
CA ILE B 259 -23.00 9.49 -0.88
C ILE B 259 -24.16 8.66 -0.30
N ASP B 260 -23.97 7.35 -0.13
CA ASP B 260 -25.10 6.53 0.37
C ASP B 260 -25.03 6.51 1.90
N LYS B 261 -23.83 6.49 2.48
CA LYS B 261 -23.67 6.53 3.92
C LYS B 261 -24.28 7.82 4.46
N TYR B 262 -23.98 8.95 3.83
CA TYR B 262 -24.41 10.25 4.31
C TYR B 262 -25.69 10.74 3.64
N ASN B 263 -26.43 9.83 3.01
CA ASN B 263 -27.62 10.16 2.22
C ASN B 263 -27.48 11.54 1.60
N ILE B 264 -26.52 11.67 0.68
CA ILE B 264 -26.27 12.87 -0.09
C ILE B 264 -26.99 12.75 -1.42
N GLU B 265 -27.55 13.86 -1.88
CA GLU B 265 -28.24 13.95 -3.17
C GLU B 265 -27.24 14.54 -4.16
N LEU B 266 -27.06 13.87 -5.30
CA LEU B 266 -26.18 14.41 -6.33
C LEU B 266 -26.98 15.16 -7.39
N ASP B 267 -26.46 16.34 -7.75
CA ASP B 267 -26.87 17.05 -8.95
C ASP B 267 -26.98 16.06 -10.12
N PRO B 268 -28.17 15.86 -10.74
CA PRO B 268 -28.32 14.85 -11.80
C PRO B 268 -27.28 14.95 -12.91
N ARG B 269 -26.72 16.16 -13.09
CA ARG B 269 -25.51 16.38 -13.86
C ARG B 269 -24.45 15.33 -13.50
N PHE B 270 -23.89 15.45 -12.29
CA PHE B 270 -22.76 14.63 -11.85
C PHE B 270 -22.93 13.15 -12.23
N ASN B 271 -24.15 12.60 -12.15
CA ASN B 271 -24.35 11.19 -12.47
C ASN B 271 -23.88 10.88 -13.88
N ASP B 272 -24.15 11.79 -14.82
CA ASP B 272 -23.80 11.59 -16.21
C ASP B 272 -22.29 11.70 -16.37
N ILE B 273 -21.69 12.73 -15.79
CA ILE B 273 -20.25 13.02 -16.02
C ILE B 273 -19.32 12.08 -15.23
N LEU B 274 -19.80 11.44 -14.17
CA LEU B 274 -18.86 10.64 -13.33
C LEU B 274 -18.52 9.33 -14.03
N GLY B 275 -19.52 8.49 -14.28
CA GLY B 275 -19.29 7.22 -14.98
C GLY B 275 -18.90 6.12 -14.02
N ARG B 276 -18.35 5.02 -14.52
CA ARG B 276 -17.86 3.97 -13.64
C ARG B 276 -16.34 3.92 -13.81
N HIS B 277 -15.60 4.03 -12.71
CA HIS B 277 -14.14 4.03 -12.81
C HIS B 277 -13.57 3.14 -11.70
N SER B 278 -12.63 2.26 -12.07
CA SER B 278 -11.96 1.41 -11.10
C SER B 278 -11.06 2.29 -10.20
N ARG B 279 -10.81 1.82 -8.98
CA ARG B 279 -9.83 2.45 -8.13
C ARG B 279 -8.46 1.98 -8.61
N LYS B 280 -7.57 2.92 -8.98
CA LYS B 280 -6.30 2.54 -9.59
C LYS B 280 -5.24 2.36 -8.52
N ARG B 281 -4.10 1.77 -8.90
CA ARG B 281 -2.94 1.55 -8.06
C ARG B 281 -1.90 2.64 -8.32
N TRP B 282 -1.30 3.17 -7.25
CA TRP B 282 -0.39 4.32 -7.33
C TRP B 282 0.78 4.04 -8.24
N GLU B 283 1.06 2.75 -8.46
CA GLU B 283 2.17 2.36 -9.32
C GLU B 283 2.07 3.09 -10.66
N ARG B 284 0.85 3.43 -11.10
CA ARG B 284 0.71 3.94 -12.45
C ARG B 284 1.14 5.42 -12.54
N PHE B 285 1.46 6.06 -11.40
CA PHE B 285 1.98 7.42 -11.44
C PHE B 285 3.49 7.45 -11.20
N VAL B 286 4.14 6.28 -11.10
CA VAL B 286 5.55 6.19 -10.80
C VAL B 286 6.35 6.09 -12.10
N HIS B 287 7.35 6.96 -12.23
CA HIS B 287 8.13 7.10 -13.43
C HIS B 287 9.59 7.28 -13.02
N SER B 288 10.50 7.26 -14.01
CA SER B 288 11.92 7.34 -13.75
C SER B 288 12.20 8.51 -12.80
N GLU B 289 11.63 9.68 -13.09
CA GLU B 289 12.14 10.87 -12.44
C GLU B 289 11.28 11.23 -11.23
N ASN B 290 10.56 10.27 -10.63
CA ASN B 290 9.85 10.52 -9.38
C ASN B 290 9.96 9.34 -8.41
N GLN B 291 10.69 8.27 -8.76
CA GLN B 291 10.68 7.04 -7.97
C GLN B 291 11.59 7.17 -6.74
N HIS B 292 12.59 8.05 -6.83
CA HIS B 292 13.50 8.32 -5.74
C HIS B 292 12.73 8.93 -4.57
N LEU B 293 11.48 9.35 -4.84
CA LEU B 293 10.61 10.00 -3.86
C LEU B 293 9.41 9.11 -3.49
N VAL B 294 9.14 8.06 -4.27
CA VAL B 294 7.99 7.21 -3.99
C VAL B 294 8.48 5.91 -3.36
N SER B 295 7.83 5.53 -2.27
CA SER B 295 8.18 4.38 -1.47
C SER B 295 6.88 3.76 -0.95
N PRO B 296 6.88 2.49 -0.47
CA PRO B 296 5.65 1.86 -0.01
C PRO B 296 5.04 2.59 1.18
N GLU B 297 5.88 3.23 1.99
CA GLU B 297 5.42 4.01 3.17
C GLU B 297 4.66 5.25 2.71
N ALA B 298 5.20 5.96 1.73
CA ALA B 298 4.55 7.18 1.21
C ALA B 298 3.21 6.82 0.58
N LEU B 299 3.10 5.64 0.00
CA LEU B 299 1.85 5.30 -0.67
C LEU B 299 0.77 4.92 0.34
N ASP B 300 1.18 4.20 1.40
CA ASP B 300 0.30 3.85 2.50
C ASP B 300 -0.22 5.13 3.15
N PHE B 301 0.68 6.10 3.34
CA PHE B 301 0.33 7.37 3.95
C PHE B 301 -0.69 8.09 3.07
N LEU B 302 -0.38 8.17 1.76
CA LEU B 302 -1.25 8.85 0.82
C LEU B 302 -2.64 8.23 0.81
N ASP B 303 -2.70 6.91 0.77
CA ASP B 303 -3.94 6.19 0.64
C ASP B 303 -4.85 6.50 1.83
N LYS B 304 -4.21 6.75 2.98
CA LYS B 304 -4.87 6.97 4.24
C LYS B 304 -5.27 8.44 4.43
N LEU B 305 -4.72 9.35 3.62
CA LEU B 305 -5.19 10.74 3.66
C LEU B 305 -6.29 10.92 2.62
N LEU B 306 -6.21 10.19 1.51
CA LEU B 306 -7.15 10.45 0.39
C LEU B 306 -8.34 9.50 0.42
N ARG B 307 -9.30 9.82 1.28
CA ARG B 307 -10.52 9.01 1.38
C ARG B 307 -11.72 9.93 1.15
N TYR B 308 -12.74 9.43 0.47
CA TYR B 308 -13.97 10.22 0.26
C TYR B 308 -14.60 10.45 1.63
N ASP B 309 -14.78 9.38 2.39
CA ASP B 309 -15.36 9.52 3.71
C ASP B 309 -14.35 10.20 4.64
N HIS B 310 -14.71 11.43 5.04
CA HIS B 310 -13.86 12.29 5.84
C HIS B 310 -13.59 11.64 7.20
N GLN B 311 -14.57 10.87 7.69
CA GLN B 311 -14.43 10.18 8.96
C GLN B 311 -13.33 9.12 8.93
N SER B 312 -12.89 8.65 7.77
CA SER B 312 -11.95 7.54 7.71
C SER B 312 -10.53 7.99 7.36
N ARG B 313 -10.28 9.30 7.36
CA ARG B 313 -8.98 9.83 6.99
C ARG B 313 -8.14 9.96 8.25
N LEU B 314 -6.82 9.97 8.10
CA LEU B 314 -5.96 10.05 9.27
C LEU B 314 -6.17 11.37 9.97
N THR B 315 -5.96 11.38 11.27
CA THR B 315 -5.84 12.66 11.93
C THR B 315 -4.42 13.15 11.75
N ALA B 316 -4.23 14.43 11.97
CA ALA B 316 -2.90 14.99 12.02
C ALA B 316 -2.03 14.17 12.97
N ARG B 317 -2.57 13.76 14.11
CA ARG B 317 -1.77 13.04 15.10
C ARG B 317 -1.42 11.62 14.63
N GLU B 318 -2.40 10.87 14.09
CA GLU B 318 -2.16 9.53 13.57
C GLU B 318 -1.13 9.61 12.44
N ALA B 319 -1.38 10.52 11.51
CA ALA B 319 -0.46 10.76 10.42
C ALA B 319 0.96 10.92 10.95
N MET B 320 1.13 11.74 11.98
CA MET B 320 2.45 12.02 12.49
C MET B 320 3.09 10.77 13.06
N GLU B 321 2.32 9.69 13.18
CA GLU B 321 2.83 8.45 13.77
C GLU B 321 3.06 7.39 12.70
N HIS B 322 2.80 7.72 11.42
CA HIS B 322 2.95 6.77 10.34
C HIS B 322 4.43 6.43 10.11
N PRO B 323 4.76 5.19 9.68
CA PRO B 323 6.14 4.82 9.31
C PRO B 323 6.96 5.79 8.47
N TYR B 324 6.31 6.47 7.51
CA TYR B 324 6.95 7.47 6.66
C TYR B 324 7.81 8.47 7.44
N PHE B 325 7.43 8.76 8.70
CA PHE B 325 8.11 9.75 9.52
C PHE B 325 9.10 9.16 10.53
N TYR B 326 9.25 7.84 10.57
CA TYR B 326 10.10 7.21 11.61
C TYR B 326 11.49 7.85 11.63
N THR B 327 12.07 8.13 10.48
CA THR B 327 13.46 8.65 10.46
C THR B 327 13.50 10.11 10.93
N VAL B 328 12.50 10.90 10.57
CA VAL B 328 12.52 12.34 10.94
C VAL B 328 12.32 12.46 12.44
N VAL B 329 11.53 11.56 13.04
CA VAL B 329 11.24 11.65 14.49
C VAL B 329 12.41 11.07 15.26
N LYS B 330 13.17 10.18 14.63
CA LYS B 330 14.39 9.61 15.28
C LYS B 330 15.43 10.70 15.37
N ASP B 331 15.42 11.62 14.41
CA ASP B 331 16.38 12.74 14.43
C ASP B 331 15.83 13.84 15.32
N GLN B 332 14.68 13.58 15.96
CA GLN B 332 14.07 14.55 16.90
C GLN B 332 13.89 15.89 16.19
S SO4 C . -11.93 -0.62 1.67
O1 SO4 C . -13.37 -0.64 1.80
O2 SO4 C . -11.33 0.42 2.47
O3 SO4 C . -11.40 -1.89 2.10
O4 SO4 C . -11.61 -0.41 0.27
S SO4 D . -12.79 -1.08 -7.82
O1 SO4 D . -13.91 -1.90 -8.22
O2 SO4 D . -12.55 -1.23 -6.41
O3 SO4 D . -11.61 -1.44 -8.54
O4 SO4 D . -13.10 0.31 -8.08
S SO4 E . 10.68 -49.33 -13.27
O1 SO4 E . 9.88 -49.48 -12.09
O2 SO4 E . 10.84 -47.92 -13.51
O3 SO4 E . 11.96 -49.93 -13.07
O4 SO4 E . 10.03 -49.97 -14.40
S SO4 F . -8.41 -37.41 6.06
O1 SO4 F . -9.73 -37.83 6.50
O2 SO4 F . -7.66 -36.89 7.18
O3 SO4 F . -7.72 -38.54 5.51
O4 SO4 F . -8.54 -36.37 5.07
S SO4 G . -18.30 -6.87 -0.96
O1 SO4 G . -17.71 -6.52 0.30
O2 SO4 G . -19.39 -7.78 -0.75
O3 SO4 G . -17.30 -7.53 -1.76
O4 SO4 G . -18.75 -5.66 -1.66
S SO4 H . -0.74 -33.60 -14.07
O1 SO4 H . -2.01 -33.46 -13.43
O2 SO4 H . 0.08 -32.47 -13.73
O3 SO4 H . -0.96 -33.63 -15.51
O4 SO4 H . -0.11 -34.83 -13.60
C1 EDO I . 20.37 -27.21 -0.16
O1 EDO I . 20.75 -27.97 -1.29
C2 EDO I . 21.19 -25.98 -0.03
O2 EDO I . 20.51 -24.95 0.65
C3 A1H6E J . 5.30 -23.33 8.89
C4 A1H6E J . 5.45 -24.26 7.86
C5 A1H6E J . 4.95 -25.67 8.03
C8 A1H6E J . 6.38 -29.16 7.02
C11 A1H6E J . 6.72 -32.06 8.54
C15 A1H6E J . 7.79 -34.68 5.39
C16 A1H6E J . 9.01 -34.75 4.73
C18 A1H6E J . 11.00 -34.90 3.39
C21 A1H6E J . 10.21 -34.77 5.43
C22 A1H6E J . 10.20 -34.69 6.82
C23 A1H6E J . 8.99 -34.61 7.49
C26 A1H6E J . 5.44 -32.27 6.47
C28 A1H6E J . 4.56 -28.81 8.09
C29 A1H6E J . 6.01 -23.82 6.67
C30 A1H6E J . 6.41 -22.51 6.50
C31 A1H6E J . 6.27 -21.58 7.53
C32 A1H6E J . 6.72 -20.18 7.29
C35 A1H6E J . 7.58 -17.55 6.85
CL1 A1H6E J . 5.45 -20.92 10.03
C2 A1H6E J . 5.70 -22.02 8.72
N6 A1H6E J . 5.82 -26.66 7.32
C7 A1H6E J . 5.85 -28.04 7.92
C9 A1H6E J . 5.36 -30.07 7.73
C10 A1H6E J . 5.93 -30.83 8.96
N12 A1H6E J . 5.87 -32.92 7.72
S13 A1H6E J . 6.27 -34.51 7.64
C14 A1H6E J . 7.79 -34.61 6.78
S17 A1H6E J . 9.31 -34.86 3.03
CL19 A1H6E J . 12.12 -35.04 2.11
N20 A1H6E J . 11.34 -34.85 4.63
O24 A1H6E J . 5.27 -35.15 6.84
O25 A1H6E J . 6.49 -34.94 8.97
C27 A1H6E J . 4.61 -31.05 6.82
C33 A1H6E J . 6.48 -19.54 6.08
C34 A1H6E J . 6.91 -18.24 5.87
C36 A1H6E J . 7.83 -18.17 8.07
C37 A1H6E J . 7.41 -19.48 8.28
S SO4 K . -4.12 -0.37 -11.68
O1 SO4 K . -4.70 -0.64 -10.40
O2 SO4 K . -3.71 1.03 -11.80
O3 SO4 K . -2.96 -1.21 -11.87
O4 SO4 K . -5.13 -0.65 -12.67
S SO4 L . -22.40 39.45 2.69
O1 SO4 L . -23.25 39.45 3.87
O2 SO4 L . -21.55 40.61 2.72
O3 SO4 L . -21.58 38.27 2.67
O4 SO4 L . -23.24 39.47 1.52
S SO4 M . -3.91 16.36 -15.94
O1 SO4 M . -4.43 15.69 -14.77
O2 SO4 M . -3.17 17.53 -15.56
O3 SO4 M . -3.04 15.47 -16.66
O4 SO4 M . -5.01 16.75 -16.78
S SO4 N . -20.19 44.21 7.63
O1 SO4 N . -19.74 43.31 8.68
O2 SO4 N . -20.90 45.33 8.19
O3 SO4 N . -21.08 43.49 6.73
O4 SO4 N . -19.05 44.73 6.92
S SO4 O . -15.13 51.33 8.32
O1 SO4 O . -14.11 50.42 8.77
O2 SO4 O . -16.19 51.38 9.29
O3 SO4 O . -15.68 50.88 7.06
O4 SO4 O . -14.55 52.65 8.18
S SO4 P . 3.90 53.94 2.83
O1 SO4 P . 2.82 53.39 3.59
O2 SO4 P . 5.03 54.23 3.70
O3 SO4 P . 4.32 52.98 1.85
O4 SO4 P . 3.46 55.15 2.17
S SO4 Q . -4.41 12.64 -11.83
O1 SO4 Q . -5.31 13.74 -12.07
O2 SO4 Q . -4.25 12.45 -10.42
O3 SO4 Q . -3.12 12.91 -12.41
O4 SO4 Q . -4.96 11.43 -12.41
S SO4 R . -4.62 36.28 0.22
O1 SO4 R . -6.00 36.21 0.59
O2 SO4 R . -3.80 36.35 1.41
O3 SO4 R . -4.28 35.10 -0.57
O4 SO4 R . -4.39 37.46 -0.55
S SO4 S . -11.24 3.70 -16.09
O1 SO4 S . -10.99 3.11 -14.81
O2 SO4 S . -12.68 3.76 -16.28
O3 SO4 S . -10.66 5.04 -16.21
O4 SO4 S . -10.66 2.83 -17.07
S SO4 T . -17.41 31.63 4.92
O1 SO4 T . -18.44 32.34 5.66
O2 SO4 T . -16.98 30.49 5.67
O3 SO4 T . -16.28 32.49 4.66
O4 SO4 T . -17.96 31.18 3.67
C3 A1H6E U . 6.85 24.80 -1.98
C4 A1H6E U . 5.99 25.68 -1.34
C5 A1H6E U . 5.81 27.07 -1.85
C8 A1H6E U . 4.71 30.52 -0.38
C11 A1H6E U . 5.77 33.56 -0.96
C15 A1H6E U . 3.29 35.91 1.29
C16 A1H6E U . 3.35 36.11 2.66
C18 A1H6E U . 3.23 36.41 5.04
C21 A1H6E U . 4.55 36.45 3.28
C22 A1H6E U . 5.70 36.60 2.52
C23 A1H6E U . 5.66 36.40 1.15
C26 A1H6E U . 3.35 33.37 -1.28
C28 A1H6E U . 5.01 30.02 -2.45
C29 A1H6E U . 5.29 25.22 -0.24
C30 A1H6E U . 5.43 23.92 0.22
C31 A1H6E U . 6.30 23.03 -0.42
C32 A1H6E U . 6.44 21.66 0.16
C35 A1H6E U . 6.72 19.13 1.29
CL1 A1H6E U . 8.08 22.46 -2.38
C2 A1H6E U . 7.00 23.51 -1.52
N6 A1H6E U . 5.27 28.02 -0.83
C7 A1H6E U . 5.53 29.47 -1.14
C9 A1H6E U . 4.81 31.35 -1.69
C10 A1H6E U . 6.02 32.29 -1.75
N12 A1H6E U . 4.55 34.22 -1.47
S13 A1H6E U . 4.39 35.81 -1.20
C14 A1H6E U . 4.45 36.06 0.54
S17 A1H6E U . 2.08 36.00 3.82
CL19 A1H6E U . 2.73 36.56 6.67
N20 A1H6E U . 4.45 36.61 4.67
O24 A1H6E U . 3.09 36.18 -1.65
O25 A1H6E U . 5.54 36.44 -1.76
C27 A1H6E U . 3.53 32.10 -2.09
C33 A1H6E U . 5.33 20.87 0.39
C34 A1H6E U . 5.47 19.61 0.96
C36 A1H6E U . 7.84 19.91 1.06
C37 A1H6E U . 7.70 21.16 0.49
#